data_5QSO
#
_entry.id   5QSO
#
_cell.length_a   155.547
_cell.length_b   167.538
_cell.length_c   48.007
_cell.angle_alpha   90.000
_cell.angle_beta   90.000
_cell.angle_gamma   90.000
#
_symmetry.space_group_name_H-M   'P 21 21 2'
#
loop_
_entity.id
_entity.type
_entity.pdbx_description
1 polymer 'Cohesin subunit SA-1'
2 non-polymer N-[(4-methyl-1,3-thiazol-2-yl)methyl]-1H-pyrazole-5-carboxamide
3 water water
#
_entity_poly.entity_id   1
_entity_poly.type   'polypeptide(L)'
_entity_poly.pdbx_seq_one_letter_code
;SMSPNGNLIRMLVLFFLESELHEHAAYLVDSLWESSQELLKDWECMTELLLEEPVQGEEAMSDRQESALIELMVCTIRQA
AEAHPPVGRGTGKRVLTAKERKTQIDDRNKLTEHFIITLPMLLSKYSADAEKVANLLQIPQYFDLEIYSTGRMEKHLDAL
LKQIKFVVEKHVESDVLEACSKTYSILCSEEYTIQNRVDIARSQLIDEFVDRFNHSVEDLLQEGEEADDDDIYNVLSTLK
RLTSFHNAHDLTKWDLFGNCYRLLKTGIEHGAMPEQIVVQALQCSHYSILWQLVKITDGSPSKEDLLVLRKTVKSFLAVC
QQCLSNVNTPVKEQAFMLLCDLLMIFSHQLMTGGREGLQPLVFNPDTGLQSELLSFVMDHVFIDQDEENQSMEGDEEDEA
NKIEALHKRRNLLAAFSKLIIYDIVDMHAAADIFKHYMKYYNDYGDIIKETLSKTRQID
;
_entity_poly.pdbx_strand_id   A,B
#
# COMPACT_ATOMS: atom_id res chain seq x y z
N MET A 2 -24.68 -22.12 -35.12
CA MET A 2 -25.23 -22.29 -33.72
C MET A 2 -24.91 -23.72 -33.21
N SER A 3 -25.64 -24.72 -33.71
CA SER A 3 -25.25 -26.16 -33.77
C SER A 3 -24.47 -26.44 -35.06
N PRO A 4 -24.69 -25.77 -36.23
CA PRO A 4 -23.77 -25.86 -37.37
C PRO A 4 -22.28 -25.66 -37.06
N ASN A 5 -21.92 -24.49 -36.52
CA ASN A 5 -20.55 -24.20 -36.01
C ASN A 5 -20.18 -25.22 -34.93
N GLY A 6 -21.13 -25.68 -34.10
CA GLY A 6 -20.89 -26.74 -33.11
C GLY A 6 -20.33 -28.02 -33.72
N ASN A 7 -20.88 -28.44 -34.86
CA ASN A 7 -20.46 -29.67 -35.57
C ASN A 7 -19.04 -29.46 -36.06
N LEU A 8 -18.78 -28.36 -36.75
CA LEU A 8 -17.44 -28.06 -37.31
C LEU A 8 -16.41 -28.11 -36.18
N ILE A 9 -16.70 -27.50 -35.04
CA ILE A 9 -15.78 -27.54 -33.87
C ILE A 9 -15.61 -28.97 -33.34
N ARG A 10 -16.68 -29.77 -33.22
CA ARG A 10 -16.60 -31.18 -32.73
C ARG A 10 -15.68 -31.99 -33.66
N MET A 11 -15.78 -31.78 -34.97
CA MET A 11 -14.98 -32.53 -35.96
C MET A 11 -13.55 -31.97 -35.97
N LEU A 12 -13.38 -30.66 -35.85
CA LEU A 12 -12.04 -30.04 -35.71
C LEU A 12 -11.31 -30.68 -34.54
N VAL A 13 -12.00 -30.92 -33.43
CA VAL A 13 -11.39 -31.57 -32.23
C VAL A 13 -11.01 -33.01 -32.61
N LEU A 14 -11.85 -33.68 -33.40
CA LEU A 14 -11.63 -35.12 -33.74
C LEU A 14 -10.44 -35.23 -34.71
N PHE A 15 -10.39 -34.38 -35.74
CA PHE A 15 -9.27 -34.39 -36.71
C PHE A 15 -7.94 -34.14 -35.96
N PHE A 16 -7.97 -33.33 -34.90
CA PHE A 16 -6.76 -32.96 -34.13
C PHE A 16 -6.23 -34.20 -33.40
N LEU A 17 -7.08 -34.81 -32.58
CA LEU A 17 -6.73 -35.98 -31.72
C LEU A 17 -6.40 -37.20 -32.60
N GLU A 18 -7.20 -37.47 -33.64
CA GLU A 18 -7.21 -38.78 -34.34
C GLU A 18 -6.05 -38.85 -35.34
N SER A 19 -5.79 -37.77 -36.09
CA SER A 19 -4.64 -37.67 -37.03
C SER A 19 -3.40 -37.22 -36.26
N GLU A 20 -2.23 -37.71 -36.65
CA GLU A 20 -0.94 -37.19 -36.14
C GLU A 20 -0.40 -36.25 -37.22
N LEU A 21 -1.26 -35.42 -37.83
CA LEU A 21 -0.89 -34.41 -38.88
C LEU A 21 -0.63 -33.04 -38.25
N HIS A 22 -1.13 -32.83 -37.03
CA HIS A 22 -0.85 -31.66 -36.16
C HIS A 22 -0.59 -32.18 -34.73
N GLU A 23 0.65 -32.05 -34.26
CA GLU A 23 1.10 -32.53 -32.93
C GLU A 23 0.72 -31.47 -31.89
N HIS A 24 0.84 -30.20 -32.28
CA HIS A 24 0.62 -29.01 -31.42
C HIS A 24 -0.67 -28.29 -31.81
N ALA A 25 -1.64 -28.30 -30.87
CA ALA A 25 -2.88 -27.51 -30.91
C ALA A 25 -2.62 -26.10 -31.47
N ALA A 26 -1.60 -25.39 -30.98
CA ALA A 26 -1.34 -23.98 -31.33
C ALA A 26 -1.05 -23.90 -32.83
N TYR A 27 -0.31 -24.88 -33.36
CA TYR A 27 0.18 -24.87 -34.77
C TYR A 27 -1.01 -25.15 -35.70
N LEU A 28 -1.93 -26.04 -35.27
CA LEU A 28 -3.20 -26.34 -35.97
C LEU A 28 -4.00 -25.05 -36.14
N VAL A 29 -4.24 -24.35 -35.02
CA VAL A 29 -5.06 -23.11 -34.96
C VAL A 29 -4.39 -22.06 -35.86
N ASP A 30 -3.10 -21.85 -35.67
CA ASP A 30 -2.32 -20.87 -36.47
C ASP A 30 -2.53 -21.12 -37.97
N SER A 31 -2.51 -22.38 -38.39
CA SER A 31 -2.49 -22.80 -39.82
C SER A 31 -3.85 -22.53 -40.43
N LEU A 32 -4.91 -22.78 -39.66
CA LEU A 32 -6.32 -22.57 -40.10
C LEU A 32 -6.73 -21.10 -39.97
N TRP A 33 -5.91 -20.26 -39.32
CA TRP A 33 -6.32 -18.93 -38.81
C TRP A 33 -6.73 -18.01 -39.97
N GLU A 34 -5.93 -17.90 -41.01
CA GLU A 34 -6.22 -17.04 -42.19
C GLU A 34 -7.58 -17.41 -42.81
N SER A 35 -7.98 -18.69 -42.80
CA SER A 35 -9.11 -19.23 -43.60
C SER A 35 -10.34 -19.53 -42.74
N SER A 36 -10.17 -19.62 -41.43
CA SER A 36 -11.22 -20.14 -40.51
C SER A 36 -11.26 -19.32 -39.22
N GLN A 37 -11.05 -18.00 -39.33
CA GLN A 37 -10.97 -17.08 -38.16
C GLN A 37 -12.37 -17.00 -37.52
N GLU A 38 -13.39 -16.68 -38.33
CA GLU A 38 -14.81 -16.54 -37.90
C GLU A 38 -15.17 -17.76 -37.03
N LEU A 39 -14.90 -18.97 -37.49
CA LEU A 39 -15.25 -20.25 -36.79
C LEU A 39 -14.45 -20.36 -35.48
N LEU A 40 -13.13 -20.15 -35.57
CA LEU A 40 -12.18 -20.39 -34.47
C LEU A 40 -12.36 -19.34 -33.37
N LYS A 41 -13.07 -18.24 -33.63
CA LYS A 41 -13.43 -17.25 -32.58
C LYS A 41 -14.92 -17.33 -32.22
N ASP A 42 -15.65 -18.40 -32.55
CA ASP A 42 -17.03 -18.61 -32.02
C ASP A 42 -16.89 -19.17 -30.60
N TRP A 43 -16.51 -18.33 -29.63
CA TRP A 43 -16.23 -18.78 -28.23
C TRP A 43 -17.54 -19.17 -27.55
N GLU A 44 -18.66 -18.53 -27.92
CA GLU A 44 -20.00 -18.83 -27.35
C GLU A 44 -20.33 -20.28 -27.67
N CYS A 45 -20.00 -20.71 -28.89
CA CYS A 45 -20.24 -22.10 -29.37
C CYS A 45 -19.44 -23.10 -28.54
N MET A 46 -18.14 -22.82 -28.34
CA MET A 46 -17.21 -23.69 -27.59
C MET A 46 -17.66 -23.84 -26.13
N THR A 47 -17.90 -22.75 -25.40
CA THR A 47 -18.29 -22.84 -23.97
C THR A 47 -19.62 -23.58 -23.86
N GLU A 48 -20.47 -23.44 -24.89
CA GLU A 48 -21.80 -24.10 -24.98
C GLU A 48 -21.57 -25.61 -25.03
N LEU A 49 -20.68 -26.06 -25.91
CA LEU A 49 -20.30 -27.49 -26.01
C LEU A 49 -19.80 -27.98 -24.65
N LEU A 50 -18.98 -27.16 -23.97
CA LEU A 50 -18.26 -27.60 -22.76
C LEU A 50 -19.16 -27.59 -21.53
N LEU A 51 -20.23 -26.78 -21.53
CA LEU A 51 -21.07 -26.59 -20.32
C LEU A 51 -22.45 -27.25 -20.44
N GLU A 52 -22.95 -27.51 -21.66
CA GLU A 52 -24.31 -28.09 -21.85
C GLU A 52 -24.23 -29.61 -21.64
N GLU A 53 -25.36 -30.20 -21.21
CA GLU A 53 -25.59 -31.67 -21.15
C GLU A 53 -26.21 -32.09 -22.48
N PRO A 54 -25.90 -33.30 -23.01
CA PRO A 54 -26.29 -33.66 -24.38
C PRO A 54 -27.78 -34.01 -24.48
N VAL A 55 -28.22 -34.42 -25.67
CA VAL A 55 -29.64 -34.79 -25.97
C VAL A 55 -29.71 -36.32 -26.14
N GLU A 58 -28.27 -37.79 -30.15
CA GLU A 58 -27.63 -37.46 -28.85
C GLU A 58 -26.10 -37.43 -29.02
N GLU A 59 -25.35 -38.11 -28.12
CA GLU A 59 -23.87 -38.36 -28.13
C GLU A 59 -23.11 -37.29 -27.33
N ALA A 60 -22.72 -37.63 -26.09
CA ALA A 60 -21.93 -36.78 -25.17
C ALA A 60 -20.46 -36.74 -25.62
N MET A 61 -19.73 -35.68 -25.23
CA MET A 61 -18.27 -35.55 -25.46
C MET A 61 -17.54 -36.43 -24.46
N SER A 62 -16.44 -37.07 -24.90
CA SER A 62 -15.55 -37.96 -24.12
C SER A 62 -14.54 -37.10 -23.35
N ASP A 63 -14.09 -37.57 -22.18
CA ASP A 63 -13.17 -36.81 -21.30
C ASP A 63 -11.97 -36.32 -22.15
N ARG A 64 -11.44 -37.16 -23.04
CA ARG A 64 -10.24 -36.83 -23.87
C ARG A 64 -10.56 -35.71 -24.87
N GLN A 65 -11.78 -35.66 -25.41
CA GLN A 65 -12.17 -34.69 -26.47
C GLN A 65 -12.48 -33.36 -25.80
N GLU A 66 -13.11 -33.40 -24.63
CA GLU A 66 -13.33 -32.19 -23.79
C GLU A 66 -11.96 -31.52 -23.58
N SER A 67 -10.99 -32.21 -22.97
CA SER A 67 -9.58 -31.75 -22.82
C SER A 67 -9.06 -31.02 -24.07
N ALA A 68 -9.25 -31.61 -25.25
CA ALA A 68 -8.68 -31.12 -26.52
C ALA A 68 -9.39 -29.83 -26.93
N LEU A 69 -10.71 -29.79 -26.73
CA LEU A 69 -11.52 -28.59 -27.04
C LEU A 69 -11.04 -27.43 -26.17
N ILE A 70 -10.88 -27.65 -24.86
CA ILE A 70 -10.36 -26.58 -23.96
C ILE A 70 -9.00 -26.12 -24.47
N GLU A 71 -8.08 -27.04 -24.76
CA GLU A 71 -6.73 -26.67 -25.25
C GLU A 71 -6.83 -25.87 -26.55
N LEU A 72 -7.75 -26.25 -27.46
CA LEU A 72 -7.87 -25.57 -28.77
C LEU A 72 -8.45 -24.17 -28.56
N MET A 73 -9.47 -24.10 -27.72
CA MET A 73 -10.17 -22.84 -27.30
C MET A 73 -9.13 -21.81 -26.83
N VAL A 74 -8.26 -22.22 -25.91
CA VAL A 74 -7.25 -21.33 -25.26
C VAL A 74 -6.27 -20.81 -26.32
N CYS A 75 -5.89 -21.63 -27.30
CA CYS A 75 -4.97 -21.22 -28.40
C CYS A 75 -5.65 -20.14 -29.26
N THR A 76 -6.95 -20.32 -29.54
CA THR A 76 -7.75 -19.35 -30.35
C THR A 76 -7.84 -18.03 -29.59
N ILE A 77 -8.00 -18.12 -28.25
CA ILE A 77 -8.06 -16.93 -27.35
C ILE A 77 -6.74 -16.16 -27.43
N ARG A 78 -5.60 -16.84 -27.30
CA ARG A 78 -4.26 -16.25 -27.52
C ARG A 78 -4.20 -15.61 -28.92
N GLN A 79 -4.42 -16.40 -29.96
CA GLN A 79 -4.12 -15.90 -31.33
C GLN A 79 -4.96 -14.65 -31.58
N ALA A 80 -6.18 -14.57 -31.04
CA ALA A 80 -7.09 -13.43 -31.22
C ALA A 80 -6.50 -12.22 -30.50
N ALA A 81 -6.16 -12.38 -29.22
CA ALA A 81 -5.66 -11.30 -28.34
C ALA A 81 -4.34 -10.74 -28.90
N GLU A 82 -3.36 -11.60 -29.21
CA GLU A 82 -1.98 -11.19 -29.62
C GLU A 82 -1.97 -10.78 -31.10
N ALA A 83 -2.87 -11.31 -31.92
CA ALA A 83 -2.97 -10.97 -33.37
C ALA A 83 -1.64 -11.27 -34.10
N HIS A 84 -0.95 -12.33 -33.69
CA HIS A 84 0.25 -12.87 -34.38
C HIS A 84 0.30 -14.38 -34.17
N PRO A 85 0.96 -15.11 -35.09
CA PRO A 85 1.18 -16.55 -34.94
C PRO A 85 1.94 -16.92 -33.67
N PRO A 86 1.81 -18.16 -33.17
CA PRO A 86 2.36 -18.51 -31.86
C PRO A 86 3.89 -18.65 -31.95
N VAL A 87 4.52 -18.77 -30.78
CA VAL A 87 6.01 -18.82 -30.67
C VAL A 87 6.47 -20.04 -31.45
N GLY A 88 7.29 -19.82 -32.49
CA GLY A 88 7.78 -20.89 -33.38
C GLY A 88 7.32 -20.72 -34.81
N ARG A 89 6.20 -20.04 -35.03
CA ARG A 89 5.66 -19.76 -36.39
C ARG A 89 5.69 -18.25 -36.66
N GLY A 90 6.42 -17.45 -35.88
CA GLY A 90 6.51 -15.99 -36.05
C GLY A 90 7.28 -15.58 -37.31
N THR A 91 7.50 -14.28 -37.50
CA THR A 91 8.44 -13.70 -38.51
C THR A 91 9.07 -12.42 -37.93
N ARG A 94 5.84 -7.99 -38.33
CA ARG A 94 4.65 -8.23 -37.46
C ARG A 94 3.78 -6.96 -37.35
N VAL A 95 3.65 -6.16 -38.43
CA VAL A 95 2.95 -4.82 -38.50
C VAL A 95 1.49 -4.98 -38.96
N LEU A 96 0.53 -4.54 -38.14
CA LEU A 96 -0.93 -4.68 -38.39
C LEU A 96 -1.46 -3.51 -39.23
N THR A 97 -2.42 -3.81 -40.10
CA THR A 97 -3.24 -2.84 -40.88
C THR A 97 -4.25 -2.20 -39.92
N ALA A 98 -4.91 -1.13 -40.36
CA ALA A 98 -5.97 -0.42 -39.59
C ALA A 98 -7.06 -1.42 -39.16
N LYS A 99 -7.50 -2.27 -40.10
CA LYS A 99 -8.64 -3.20 -39.93
C LYS A 99 -8.21 -4.40 -39.06
N GLU A 100 -6.98 -4.91 -39.24
CA GLU A 100 -6.39 -5.95 -38.35
C GLU A 100 -6.38 -5.41 -36.91
N ARG A 101 -5.93 -4.17 -36.71
CA ARG A 101 -5.85 -3.55 -35.36
C ARG A 101 -7.27 -3.42 -34.78
N LYS A 102 -8.21 -2.86 -35.55
CA LYS A 102 -9.64 -2.70 -35.17
C LYS A 102 -10.22 -4.08 -34.80
N THR A 103 -9.91 -5.13 -35.57
CA THR A 103 -10.38 -6.51 -35.33
C THR A 103 -9.83 -7.03 -34.00
N GLN A 104 -8.54 -6.81 -33.72
CA GLN A 104 -7.85 -7.23 -32.47
C GLN A 104 -8.55 -6.60 -31.26
N ILE A 105 -8.86 -5.31 -31.31
CA ILE A 105 -9.53 -4.58 -30.19
C ILE A 105 -10.90 -5.22 -29.96
N ASP A 106 -11.67 -5.41 -31.03
CA ASP A 106 -13.07 -5.94 -30.99
C ASP A 106 -13.04 -7.38 -30.45
N ASP A 107 -12.05 -8.18 -30.87
CA ASP A 107 -11.84 -9.61 -30.44
C ASP A 107 -11.54 -9.65 -28.94
N ARG A 108 -10.58 -8.86 -28.47
CA ARG A 108 -10.20 -8.75 -27.04
C ARG A 108 -11.43 -8.35 -26.22
N ASN A 109 -12.24 -7.44 -26.74
CA ASN A 109 -13.50 -7.03 -26.09
C ASN A 109 -14.41 -8.26 -25.93
N LYS A 110 -14.66 -8.97 -27.03
CA LYS A 110 -15.63 -10.11 -27.08
C LYS A 110 -15.21 -11.20 -26.10
N LEU A 111 -13.94 -11.62 -26.14
CA LEU A 111 -13.46 -12.77 -25.33
C LEU A 111 -13.37 -12.37 -23.86
N THR A 112 -13.14 -11.09 -23.56
CA THR A 112 -13.11 -10.64 -22.16
C THR A 112 -14.53 -10.71 -21.59
N GLU A 113 -15.48 -10.03 -22.24
CA GLU A 113 -16.88 -10.00 -21.76
C GLU A 113 -17.33 -11.45 -21.62
N HIS A 114 -16.97 -12.30 -22.60
CA HIS A 114 -17.50 -13.68 -22.66
C HIS A 114 -16.93 -14.50 -21.49
N PHE A 115 -15.61 -14.47 -21.32
CA PHE A 115 -14.93 -15.41 -20.41
C PHE A 115 -15.03 -14.90 -18.99
N ILE A 116 -15.20 -13.59 -18.76
CA ILE A 116 -15.44 -13.10 -17.37
C ILE A 116 -16.67 -13.84 -16.82
N ILE A 117 -17.75 -13.85 -17.61
CA ILE A 117 -19.04 -14.54 -17.32
C ILE A 117 -18.80 -16.06 -17.28
N THR A 118 -18.14 -16.64 -18.31
CA THR A 118 -18.14 -18.12 -18.56
C THR A 118 -16.96 -18.85 -17.90
N LEU A 119 -15.85 -18.19 -17.55
CA LEU A 119 -14.67 -18.93 -17.03
C LEU A 119 -14.93 -19.51 -15.64
N PRO A 120 -15.66 -18.82 -14.74
CA PRO A 120 -16.05 -19.43 -13.46
C PRO A 120 -16.94 -20.66 -13.61
N MET A 121 -17.78 -20.70 -14.64
CA MET A 121 -18.73 -21.82 -14.91
C MET A 121 -17.92 -23.03 -15.38
N LEU A 122 -16.96 -22.81 -16.29
CA LEU A 122 -15.96 -23.81 -16.73
C LEU A 122 -15.18 -24.37 -15.53
N LEU A 123 -14.60 -23.50 -14.69
CA LEU A 123 -13.76 -23.95 -13.55
C LEU A 123 -14.62 -24.73 -12.55
N SER A 124 -15.87 -24.31 -12.37
CA SER A 124 -16.83 -25.00 -11.47
C SER A 124 -16.97 -26.46 -11.94
N LYS A 125 -17.29 -26.65 -13.23
CA LYS A 125 -17.69 -27.95 -13.81
C LYS A 125 -16.50 -28.91 -13.81
N TYR A 126 -15.31 -28.44 -14.13
CA TYR A 126 -14.10 -29.26 -14.38
C TYR A 126 -13.10 -29.13 -13.21
N SER A 127 -13.57 -28.71 -12.03
CA SER A 127 -12.78 -28.30 -10.84
C SER A 127 -11.78 -29.39 -10.39
N ALA A 128 -12.04 -30.68 -10.64
CA ALA A 128 -11.19 -31.79 -10.15
C ALA A 128 -10.18 -32.23 -11.23
N ASP A 129 -10.38 -31.83 -12.47
CA ASP A 129 -9.50 -32.23 -13.61
C ASP A 129 -8.31 -31.26 -13.64
N ALA A 130 -7.22 -31.62 -12.96
CA ALA A 130 -5.98 -30.80 -12.81
C ALA A 130 -5.45 -30.29 -14.16
N GLU A 131 -5.43 -31.13 -15.20
CA GLU A 131 -4.85 -30.77 -16.52
C GLU A 131 -5.73 -29.67 -17.11
N LYS A 132 -7.05 -29.84 -16.98
CA LYS A 132 -8.07 -28.96 -17.58
C LYS A 132 -8.08 -27.60 -16.89
N VAL A 133 -8.06 -27.60 -15.56
CA VAL A 133 -8.11 -26.35 -14.73
C VAL A 133 -6.86 -25.51 -15.04
N ALA A 134 -5.70 -26.16 -15.08
CA ALA A 134 -4.43 -25.50 -15.45
C ALA A 134 -4.56 -24.82 -16.83
N ASN A 135 -5.37 -25.38 -17.72
CA ASN A 135 -5.47 -24.87 -19.12
C ASN A 135 -6.46 -23.70 -19.14
N LEU A 136 -7.55 -23.82 -18.39
CA LEU A 136 -8.58 -22.76 -18.31
C LEU A 136 -7.93 -21.50 -17.73
N LEU A 137 -7.07 -21.64 -16.70
CA LEU A 137 -6.44 -20.52 -15.95
C LEU A 137 -5.32 -19.82 -16.77
N GLN A 138 -5.09 -20.23 -18.01
CA GLN A 138 -4.23 -19.49 -18.97
C GLN A 138 -5.06 -18.37 -19.60
N ILE A 139 -6.36 -18.26 -19.30
CA ILE A 139 -7.27 -17.34 -20.07
C ILE A 139 -7.20 -15.91 -19.53
N PRO A 140 -7.28 -15.65 -18.21
CA PRO A 140 -7.30 -14.27 -17.71
C PRO A 140 -6.17 -13.37 -18.20
N GLN A 141 -4.98 -13.93 -18.48
CA GLN A 141 -3.83 -13.16 -18.99
C GLN A 141 -4.24 -12.39 -20.25
N TYR A 142 -5.27 -12.82 -20.97
CA TYR A 142 -5.70 -12.19 -22.26
C TYR A 142 -6.83 -11.19 -22.01
N PHE A 143 -7.47 -11.25 -20.83
CA PHE A 143 -8.53 -10.30 -20.41
C PHE A 143 -8.07 -8.85 -20.53
N ASP A 144 -9.00 -8.02 -20.98
CA ASP A 144 -9.04 -6.54 -20.90
C ASP A 144 -9.59 -6.18 -19.52
N LEU A 145 -8.79 -6.37 -18.45
CA LEU A 145 -9.21 -6.36 -17.03
C LEU A 145 -10.00 -5.11 -16.64
N GLU A 146 -9.85 -3.98 -17.35
CA GLU A 146 -10.57 -2.72 -17.03
C GLU A 146 -12.08 -3.03 -17.04
N ILE A 147 -12.47 -4.03 -17.83
CA ILE A 147 -13.89 -4.38 -18.08
C ILE A 147 -14.51 -4.96 -16.81
N TYR A 148 -13.73 -5.38 -15.81
CA TYR A 148 -14.29 -5.91 -14.54
C TYR A 148 -15.03 -4.80 -13.78
N SER A 149 -14.66 -3.53 -14.02
CA SER A 149 -15.34 -2.31 -13.50
C SER A 149 -16.44 -1.86 -14.47
N THR A 150 -16.07 -1.55 -15.73
CA THR A 150 -16.94 -1.04 -16.84
C THR A 150 -18.30 -1.76 -16.88
N GLY A 151 -18.32 -3.09 -16.88
CA GLY A 151 -19.56 -3.87 -17.12
C GLY A 151 -20.39 -4.07 -15.85
N ARG A 152 -20.07 -3.31 -14.79
CA ARG A 152 -20.62 -3.48 -13.40
C ARG A 152 -20.59 -4.97 -13.11
N MET A 153 -19.43 -5.58 -13.41
CA MET A 153 -19.20 -7.05 -13.56
C MET A 153 -18.56 -7.61 -12.29
N GLU A 154 -18.56 -6.83 -11.21
CA GLU A 154 -18.00 -7.21 -9.89
C GLU A 154 -18.48 -8.62 -9.55
N LYS A 155 -19.74 -8.96 -9.79
CA LYS A 155 -20.31 -10.26 -9.31
C LYS A 155 -19.47 -11.41 -9.86
N HIS A 156 -18.92 -11.27 -11.08
CA HIS A 156 -18.18 -12.33 -11.80
C HIS A 156 -16.69 -12.40 -11.42
N LEU A 157 -16.09 -11.28 -11.04
CA LEU A 157 -14.75 -11.30 -10.41
C LEU A 157 -14.87 -12.09 -9.09
N ASP A 158 -15.91 -11.82 -8.30
CA ASP A 158 -16.16 -12.57 -7.05
C ASP A 158 -16.23 -14.06 -7.39
N ALA A 159 -16.88 -14.42 -8.50
CA ALA A 159 -17.13 -15.83 -8.89
C ALA A 159 -15.81 -16.52 -9.28
N LEU A 160 -14.95 -15.84 -10.02
CA LEU A 160 -13.66 -16.43 -10.42
C LEU A 160 -12.82 -16.67 -9.15
N LEU A 161 -12.78 -15.71 -8.22
CA LEU A 161 -11.98 -15.79 -6.97
C LEU A 161 -12.48 -16.96 -6.12
N LYS A 162 -13.80 -17.17 -6.08
CA LYS A 162 -14.42 -18.30 -5.36
C LYS A 162 -13.84 -19.56 -6.01
N GLN A 163 -13.81 -19.62 -7.34
CA GLN A 163 -13.49 -20.87 -8.08
C GLN A 163 -11.99 -21.14 -7.97
N ILE A 164 -11.15 -20.09 -7.98
CA ILE A 164 -9.68 -20.26 -7.76
C ILE A 164 -9.46 -20.79 -6.34
N LYS A 165 -10.11 -20.20 -5.35
CA LYS A 165 -10.08 -20.71 -3.95
C LYS A 165 -10.39 -22.22 -3.95
N PHE A 166 -11.48 -22.67 -4.56
CA PHE A 166 -11.93 -24.09 -4.52
C PHE A 166 -10.84 -24.98 -5.12
N VAL A 167 -10.27 -24.55 -6.25
CA VAL A 167 -9.23 -25.32 -7.00
C VAL A 167 -8.02 -25.53 -6.09
N VAL A 168 -7.45 -24.43 -5.57
CA VAL A 168 -6.23 -24.45 -4.68
C VAL A 168 -6.50 -25.34 -3.47
N GLU A 169 -7.73 -25.31 -2.94
CA GLU A 169 -8.11 -26.09 -1.73
C GLU A 169 -8.21 -27.57 -2.09
N LYS A 170 -8.46 -27.91 -3.37
CA LYS A 170 -8.72 -29.30 -3.82
C LYS A 170 -7.42 -29.94 -4.35
N HIS A 171 -6.48 -29.14 -4.86
CA HIS A 171 -5.33 -29.64 -5.68
C HIS A 171 -3.95 -29.41 -5.05
N VAL A 172 -3.00 -30.30 -5.36
CA VAL A 172 -1.57 -30.24 -4.92
C VAL A 172 -0.62 -30.33 -6.14
N GLU A 173 -1.12 -30.44 -7.37
CA GLU A 173 -0.23 -30.57 -8.57
C GLU A 173 0.46 -29.22 -8.80
N SER A 174 1.75 -29.23 -9.10
CA SER A 174 2.56 -27.98 -9.20
C SER A 174 2.04 -27.08 -10.31
N ASP A 175 1.49 -27.64 -11.40
CA ASP A 175 0.98 -26.87 -12.57
C ASP A 175 -0.31 -26.11 -12.20
N VAL A 176 -1.22 -26.78 -11.50
CA VAL A 176 -2.51 -26.20 -11.04
C VAL A 176 -2.21 -24.98 -10.16
N LEU A 177 -1.51 -25.22 -9.04
CA LEU A 177 -1.18 -24.18 -8.03
C LEU A 177 -0.49 -23.00 -8.72
N GLU A 178 0.54 -23.29 -9.51
CA GLU A 178 1.30 -22.24 -10.25
C GLU A 178 0.33 -21.45 -11.14
N ALA A 179 -0.66 -22.11 -11.74
CA ALA A 179 -1.68 -21.46 -12.59
C ALA A 179 -2.54 -20.53 -11.72
N CYS A 180 -2.91 -20.99 -10.52
CA CYS A 180 -3.66 -20.16 -9.53
C CYS A 180 -2.82 -18.95 -9.11
N SER A 181 -1.57 -19.17 -8.74
CA SER A 181 -0.60 -18.11 -8.33
C SER A 181 -0.57 -17.00 -9.37
N LYS A 182 -0.26 -17.36 -10.61
CA LYS A 182 -0.16 -16.40 -11.75
C LYS A 182 -1.50 -15.71 -12.02
N THR A 183 -2.62 -16.39 -11.82
CA THR A 183 -3.91 -15.71 -12.09
C THR A 183 -4.11 -14.61 -11.06
N TYR A 184 -3.80 -14.90 -9.80
CA TYR A 184 -3.94 -13.87 -8.74
C TYR A 184 -3.07 -12.67 -9.13
N SER A 185 -1.82 -12.96 -9.47
CA SER A 185 -0.84 -11.94 -9.92
C SER A 185 -1.47 -11.05 -10.99
N ILE A 186 -2.05 -11.64 -12.02
CA ILE A 186 -2.68 -10.87 -13.14
C ILE A 186 -3.88 -10.10 -12.58
N LEU A 187 -4.75 -10.77 -11.84
CA LEU A 187 -5.98 -10.12 -11.33
C LEU A 187 -5.61 -8.94 -10.44
N CYS A 188 -4.60 -9.12 -9.59
CA CYS A 188 -4.15 -8.10 -8.61
C CYS A 188 -3.55 -6.86 -9.26
N SER A 189 -2.26 -6.92 -9.58
CA SER A 189 -1.49 -5.74 -10.05
C SER A 189 -1.69 -5.38 -11.52
N GLU A 190 -2.91 -5.35 -12.05
CA GLU A 190 -2.99 -4.95 -13.49
C GLU A 190 -4.10 -3.93 -13.69
N GLU A 191 -4.79 -3.56 -12.60
CA GLU A 191 -5.86 -2.53 -12.65
C GLU A 191 -6.14 -2.10 -11.21
N TYR A 192 -6.07 -0.81 -10.91
CA TYR A 192 -6.24 -0.41 -9.49
C TYR A 192 -7.65 -0.67 -9.00
N THR A 193 -8.62 -0.49 -9.89
CA THR A 193 -10.05 -0.61 -9.51
C THR A 193 -10.32 -1.92 -8.76
N ILE A 194 -9.85 -3.04 -9.28
CA ILE A 194 -10.14 -4.36 -8.65
C ILE A 194 -8.95 -4.84 -7.82
N GLN A 195 -7.85 -4.10 -7.80
CA GLN A 195 -6.65 -4.55 -7.05
C GLN A 195 -6.99 -4.80 -5.58
N ASN A 196 -7.75 -3.90 -4.96
CA ASN A 196 -8.11 -4.01 -3.52
C ASN A 196 -8.97 -5.25 -3.28
N ARG A 197 -9.95 -5.48 -4.15
CA ARG A 197 -10.87 -6.62 -3.97
C ARG A 197 -10.08 -7.93 -4.06
N VAL A 198 -9.20 -8.03 -5.04
CA VAL A 198 -8.41 -9.28 -5.25
C VAL A 198 -7.45 -9.51 -4.09
N ASP A 199 -6.82 -8.44 -3.59
CA ASP A 199 -5.83 -8.56 -2.49
C ASP A 199 -6.46 -9.16 -1.24
N ILE A 200 -7.70 -8.80 -0.94
CA ILE A 200 -8.40 -9.31 0.28
C ILE A 200 -8.66 -10.80 0.14
N ALA A 201 -9.05 -11.25 -1.06
CA ALA A 201 -9.37 -12.68 -1.32
C ALA A 201 -8.08 -13.50 -1.18
N ARG A 202 -6.99 -12.97 -1.74
CA ARG A 202 -5.66 -13.64 -1.76
C ARG A 202 -5.19 -13.86 -0.33
N SER A 203 -4.97 -12.79 0.42
CA SER A 203 -4.38 -12.85 1.77
C SER A 203 -5.28 -13.66 2.72
N GLN A 204 -6.60 -13.75 2.48
CA GLN A 204 -7.47 -14.64 3.30
C GLN A 204 -7.12 -16.09 2.95
N LEU A 205 -6.98 -16.35 1.64
CA LEU A 205 -6.54 -17.67 1.12
C LEU A 205 -5.22 -18.07 1.80
N ILE A 206 -4.21 -17.20 1.71
CA ILE A 206 -2.87 -17.44 2.31
C ILE A 206 -3.00 -17.69 3.81
N ASP A 207 -3.64 -16.77 4.54
CA ASP A 207 -3.92 -16.86 6.00
C ASP A 207 -4.41 -18.26 6.35
N GLU A 208 -5.43 -18.78 5.65
CA GLU A 208 -6.04 -20.09 5.99
C GLU A 208 -5.02 -21.22 5.80
N PHE A 209 -4.06 -21.03 4.88
CA PHE A 209 -3.05 -22.07 4.52
C PHE A 209 -1.84 -21.97 5.44
N VAL A 210 -1.43 -20.76 5.82
CA VAL A 210 -0.37 -20.58 6.86
C VAL A 210 -0.81 -21.15 8.23
N ASP A 211 -2.06 -20.94 8.66
CA ASP A 211 -2.57 -21.51 9.94
C ASP A 211 -2.49 -23.03 9.88
N ARG A 212 -2.99 -23.62 8.79
CA ARG A 212 -3.04 -25.09 8.60
C ARG A 212 -1.62 -25.64 8.52
N PHE A 213 -0.71 -24.96 7.80
CA PHE A 213 0.73 -25.36 7.70
C PHE A 213 1.36 -25.43 9.10
N ASN A 214 1.26 -24.33 9.85
CA ASN A 214 1.86 -24.12 11.20
C ASN A 214 1.33 -25.20 12.16
N HIS A 215 0.01 -25.43 12.21
CA HIS A 215 -0.59 -26.44 13.13
C HIS A 215 -0.02 -27.81 12.76
N SER A 216 0.20 -28.05 11.47
CA SER A 216 0.67 -29.36 10.93
C SER A 216 2.16 -29.53 11.19
N VAL A 217 2.93 -28.44 11.04
CA VAL A 217 4.39 -28.46 11.38
C VAL A 217 4.50 -28.86 12.85
N GLU A 218 3.75 -28.18 13.70
CA GLU A 218 3.76 -28.44 15.16
C GLU A 218 3.39 -29.91 15.40
N ASP A 219 2.31 -30.38 14.77
CA ASP A 219 1.85 -31.80 14.88
C ASP A 219 2.99 -32.75 14.51
N LEU A 220 3.59 -32.57 13.32
CA LEU A 220 4.69 -33.44 12.84
C LEU A 220 5.83 -33.48 13.86
N LEU A 221 6.37 -32.31 14.25
CA LEU A 221 7.64 -32.20 15.03
C LEU A 221 7.46 -32.71 16.48
N GLN A 222 6.29 -32.50 17.11
CA GLN A 222 6.04 -32.98 18.49
C GLN A 222 5.99 -34.52 18.46
N GLU A 223 5.46 -35.11 17.37
CA GLU A 223 5.58 -36.56 17.03
C GLU A 223 6.74 -36.71 16.02
N GLU A 226 7.75 -42.08 16.29
CA GLU A 226 6.31 -42.15 15.95
C GLU A 226 5.91 -40.84 15.26
N ALA A 227 5.40 -40.94 14.03
CA ALA A 227 4.83 -39.80 13.25
C ALA A 227 3.88 -40.34 12.17
N ASP A 228 2.62 -39.92 12.23
CA ASP A 228 1.49 -40.47 11.43
C ASP A 228 1.74 -40.24 9.93
N ASP A 229 1.04 -40.96 9.06
CA ASP A 229 0.93 -40.67 7.60
C ASP A 229 0.11 -39.39 7.37
N ASP A 230 -0.86 -39.12 8.25
CA ASP A 230 -1.69 -37.90 8.20
C ASP A 230 -0.83 -36.68 8.48
N ASP A 231 0.03 -36.77 9.50
CA ASP A 231 0.93 -35.69 9.96
C ASP A 231 1.78 -35.26 8.74
N ILE A 232 2.34 -36.23 8.02
CA ILE A 232 3.16 -36.01 6.79
C ILE A 232 2.32 -35.39 5.66
N TYR A 233 1.19 -35.99 5.28
CA TYR A 233 0.28 -35.44 4.23
C TYR A 233 -0.02 -33.95 4.52
N ASN A 234 -0.36 -33.62 5.77
CA ASN A 234 -0.88 -32.29 6.19
C ASN A 234 0.20 -31.23 5.99
N VAL A 235 1.45 -31.54 6.39
CA VAL A 235 2.62 -30.63 6.22
C VAL A 235 2.83 -30.41 4.72
N LEU A 236 3.11 -31.51 4.00
CA LEU A 236 3.47 -31.48 2.57
C LEU A 236 2.37 -30.77 1.78
N SER A 237 1.11 -31.15 1.99
CA SER A 237 -0.04 -30.65 1.18
C SER A 237 -0.09 -29.12 1.30
N THR A 238 -0.01 -28.60 2.53
CA THR A 238 -0.10 -27.13 2.80
C THR A 238 1.19 -26.44 2.36
N LEU A 239 2.35 -27.02 2.67
CA LEU A 239 3.66 -26.45 2.24
C LEU A 239 3.66 -26.27 0.71
N LYS A 240 3.11 -27.21 -0.08
CA LYS A 240 3.14 -27.12 -1.57
C LYS A 240 2.40 -25.86 -2.01
N ARG A 241 1.17 -25.64 -1.52
CA ARG A 241 0.36 -24.48 -1.93
C ARG A 241 1.19 -23.23 -1.65
N LEU A 242 1.80 -23.17 -0.48
CA LEU A 242 2.53 -21.96 -0.04
C LEU A 242 3.81 -21.76 -0.85
N THR A 243 4.55 -22.84 -1.15
CA THR A 243 5.74 -22.81 -2.04
C THR A 243 5.36 -22.26 -3.42
N SER A 244 4.30 -22.81 -4.05
CA SER A 244 3.81 -22.35 -5.37
C SER A 244 3.68 -20.83 -5.34
N PHE A 245 2.83 -20.33 -4.45
CA PHE A 245 2.48 -18.90 -4.34
C PHE A 245 3.71 -18.05 -3.98
N HIS A 246 4.68 -18.57 -3.19
CA HIS A 246 5.78 -17.74 -2.63
C HIS A 246 6.75 -17.27 -3.73
N ASN A 247 6.65 -17.82 -4.94
CA ASN A 247 7.48 -17.35 -6.08
C ASN A 247 7.00 -15.96 -6.54
N ALA A 248 5.72 -15.80 -6.88
CA ALA A 248 5.19 -14.57 -7.50
C ALA A 248 4.58 -13.62 -6.45
N HIS A 249 4.35 -14.10 -5.22
CA HIS A 249 3.75 -13.29 -4.13
C HIS A 249 4.71 -13.17 -2.95
N ASP A 250 4.88 -11.95 -2.43
CA ASP A 250 5.77 -11.69 -1.28
C ASP A 250 5.11 -12.15 0.02
N LEU A 251 5.36 -13.37 0.46
CA LEU A 251 4.70 -13.89 1.69
C LEU A 251 5.60 -13.73 2.91
N THR A 252 6.50 -12.74 2.94
CA THR A 252 7.50 -12.59 4.04
C THR A 252 6.79 -12.23 5.34
N LYS A 253 5.66 -11.51 5.29
CA LYS A 253 4.90 -11.05 6.50
C LYS A 253 4.55 -12.27 7.36
N TRP A 254 4.27 -13.42 6.75
CA TRP A 254 4.17 -14.73 7.43
C TRP A 254 5.58 -15.30 7.55
N ASP A 255 6.11 -15.54 8.74
CA ASP A 255 7.51 -16.01 8.86
C ASP A 255 7.50 -17.50 8.49
N LEU A 256 7.50 -17.82 7.19
CA LEU A 256 7.50 -19.22 6.70
C LEU A 256 8.92 -19.83 6.81
N PHE A 257 9.96 -19.03 6.55
CA PHE A 257 11.37 -19.50 6.66
C PHE A 257 11.59 -20.21 8.03
N GLY A 258 10.93 -19.73 9.08
CA GLY A 258 11.11 -20.26 10.44
C GLY A 258 10.79 -21.74 10.54
N ASN A 259 9.59 -22.15 10.07
CA ASN A 259 9.07 -23.54 10.17
C ASN A 259 9.73 -24.39 9.10
N CYS A 260 9.95 -23.85 7.90
CA CYS A 260 10.72 -24.56 6.86
C CYS A 260 12.06 -24.96 7.49
N TYR A 261 12.71 -24.02 8.19
CA TYR A 261 14.07 -24.20 8.77
C TYR A 261 14.07 -25.36 9.77
N ARG A 262 13.01 -25.52 10.57
CA ARG A 262 12.89 -26.56 11.65
C ARG A 262 12.73 -27.94 11.02
N LEU A 263 11.79 -28.03 10.05
CA LEU A 263 11.52 -29.22 9.21
C LEU A 263 12.84 -29.75 8.64
N LEU A 264 13.69 -28.87 8.09
CA LEU A 264 15.00 -29.25 7.49
C LEU A 264 16.01 -29.66 8.58
N LYS A 265 16.11 -28.91 9.68
CA LYS A 265 16.98 -29.25 10.84
C LYS A 265 16.59 -30.62 11.39
N THR A 266 15.30 -30.93 11.49
CA THR A 266 14.78 -32.21 12.01
C THR A 266 15.09 -33.35 11.04
N GLY A 267 15.18 -33.04 9.75
CA GLY A 267 15.41 -34.01 8.67
C GLY A 267 16.88 -34.21 8.40
N ILE A 268 17.74 -33.39 8.99
CA ILE A 268 19.21 -33.63 9.05
C ILE A 268 19.50 -34.40 10.34
N GLU A 269 19.03 -33.90 11.49
CA GLU A 269 19.32 -34.49 12.84
C GLU A 269 18.93 -35.96 12.80
N HIS A 270 17.63 -36.26 12.75
CA HIS A 270 17.08 -37.64 12.89
C HIS A 270 16.96 -38.28 11.50
N GLY A 271 17.36 -37.55 10.44
CA GLY A 271 17.58 -38.09 9.08
C GLY A 271 16.36 -38.75 8.43
N ALA A 272 15.13 -38.56 8.95
CA ALA A 272 13.93 -39.39 8.61
C ALA A 272 12.76 -38.55 8.10
N MET A 273 13.01 -37.33 7.59
CA MET A 273 12.00 -36.43 6.98
C MET A 273 11.70 -36.84 5.53
N PRO A 274 10.42 -37.02 5.13
CA PRO A 274 10.09 -37.45 3.77
C PRO A 274 10.68 -36.53 2.70
N GLU A 275 11.16 -37.11 1.60
CA GLU A 275 11.94 -36.40 0.54
C GLU A 275 11.15 -35.20 0.00
N GLN A 276 9.85 -35.31 -0.28
CA GLN A 276 9.09 -34.21 -0.92
C GLN A 276 8.96 -33.05 0.08
N ILE A 277 8.76 -33.31 1.38
CA ILE A 277 8.74 -32.22 2.40
C ILE A 277 10.07 -31.47 2.33
N VAL A 278 11.20 -32.19 2.31
CA VAL A 278 12.53 -31.52 2.31
C VAL A 278 12.67 -30.63 1.05
N VAL A 279 12.28 -31.16 -0.12
CA VAL A 279 12.44 -30.43 -1.40
C VAL A 279 11.62 -29.16 -1.30
N GLN A 280 10.34 -29.25 -0.92
CA GLN A 280 9.42 -28.08 -0.90
C GLN A 280 9.90 -27.07 0.14
N ALA A 281 10.27 -27.56 1.33
CA ALA A 281 10.84 -26.77 2.44
C ALA A 281 12.07 -25.97 1.96
N LEU A 282 12.94 -26.57 1.15
CA LEU A 282 14.09 -25.87 0.52
C LEU A 282 13.60 -24.78 -0.43
N GLN A 283 12.78 -25.12 -1.41
CA GLN A 283 12.27 -24.16 -2.43
C GLN A 283 11.63 -22.97 -1.71
N CYS A 284 10.75 -23.24 -0.73
CA CYS A 284 10.02 -22.20 0.03
C CYS A 284 11.00 -21.26 0.75
N SER A 285 11.88 -21.78 1.60
CA SER A 285 13.00 -21.05 2.23
C SER A 285 13.72 -20.15 1.20
N HIS A 286 14.07 -20.69 0.02
CA HIS A 286 14.80 -19.95 -1.05
C HIS A 286 14.00 -18.70 -1.43
N TYR A 287 12.71 -18.87 -1.75
CA TYR A 287 11.82 -17.79 -2.20
C TYR A 287 11.66 -16.73 -1.10
N SER A 288 11.63 -17.15 0.17
CA SER A 288 11.59 -16.21 1.33
C SER A 288 12.80 -15.29 1.24
N ILE A 289 13.99 -15.88 1.02
CA ILE A 289 15.30 -15.16 1.02
C ILE A 289 15.36 -14.17 -0.15
N LEU A 290 14.98 -14.59 -1.36
CA LEU A 290 14.98 -13.70 -2.56
C LEU A 290 14.12 -12.46 -2.32
N TRP A 291 13.02 -12.66 -1.60
CA TRP A 291 12.02 -11.60 -1.33
C TRP A 291 12.54 -10.72 -0.20
N GLN A 292 13.26 -11.29 0.76
CA GLN A 292 13.99 -10.50 1.79
C GLN A 292 15.03 -9.64 1.06
N LEU A 293 15.72 -10.20 0.07
CA LEU A 293 16.79 -9.50 -0.67
C LEU A 293 16.23 -8.29 -1.40
N VAL A 294 15.10 -8.45 -2.09
CA VAL A 294 14.42 -7.38 -2.87
C VAL A 294 14.02 -6.22 -1.96
N LYS A 295 13.44 -6.49 -0.78
CA LYS A 295 12.98 -5.44 0.17
C LYS A 295 14.20 -4.66 0.66
N ILE A 296 15.36 -5.32 0.73
CA ILE A 296 16.63 -4.73 1.24
C ILE A 296 17.32 -3.93 0.12
N THR A 297 17.30 -4.39 -1.14
CA THR A 297 17.88 -3.65 -2.30
C THR A 297 17.15 -2.32 -2.50
N ASP A 298 15.81 -2.39 -2.57
CA ASP A 298 14.88 -1.27 -2.90
C ASP A 298 14.71 -0.35 -1.67
N GLY A 299 14.55 -0.91 -0.47
CA GLY A 299 14.61 -0.15 0.80
C GLY A 299 15.91 0.61 0.94
N SER A 300 16.05 1.39 2.02
CA SER A 300 17.31 2.00 2.49
C SER A 300 17.67 1.34 3.81
N PRO A 301 18.34 0.16 3.76
CA PRO A 301 18.45 -0.71 4.92
C PRO A 301 19.60 -0.29 5.85
N SER A 302 19.46 -0.60 7.14
CA SER A 302 20.45 -0.27 8.20
C SER A 302 21.54 -1.33 8.22
N LYS A 303 22.48 -1.23 9.15
CA LYS A 303 23.56 -2.22 9.37
C LYS A 303 22.95 -3.54 9.88
N GLU A 304 21.96 -3.47 10.77
CA GLU A 304 21.40 -4.65 11.51
C GLU A 304 20.43 -5.39 10.59
N ASP A 305 19.75 -4.67 9.68
CA ASP A 305 18.90 -5.27 8.62
C ASP A 305 19.78 -6.23 7.80
N LEU A 306 20.89 -5.72 7.27
CA LEU A 306 21.91 -6.48 6.50
C LEU A 306 22.37 -7.69 7.31
N LEU A 307 22.69 -7.51 8.60
CA LEU A 307 23.30 -8.59 9.41
C LEU A 307 22.25 -9.62 9.81
N VAL A 308 20.96 -9.23 9.88
CA VAL A 308 19.87 -10.22 10.14
C VAL A 308 19.68 -11.06 8.87
N LEU A 309 19.61 -10.43 7.69
CA LEU A 309 19.47 -11.21 6.44
C LEU A 309 20.71 -12.12 6.27
N ARG A 310 21.91 -11.66 6.62
CA ARG A 310 23.16 -12.45 6.47
C ARG A 310 23.05 -13.72 7.31
N LYS A 311 22.71 -13.61 8.59
CA LYS A 311 22.60 -14.79 9.50
C LYS A 311 21.63 -15.81 8.88
N THR A 312 20.48 -15.32 8.40
CA THR A 312 19.42 -16.11 7.72
C THR A 312 20.03 -16.86 6.53
N VAL A 313 20.78 -16.15 5.68
CA VAL A 313 21.39 -16.72 4.44
C VAL A 313 22.50 -17.71 4.79
N LYS A 314 23.34 -17.45 5.81
CA LYS A 314 24.49 -18.35 6.13
C LYS A 314 23.92 -19.64 6.72
N SER A 315 22.83 -19.55 7.49
CA SER A 315 22.19 -20.74 8.11
C SER A 315 21.53 -21.56 7.00
N PHE A 316 21.01 -20.91 5.95
CA PHE A 316 20.31 -21.62 4.85
C PHE A 316 21.34 -22.30 3.93
N LEU A 317 22.45 -21.64 3.59
CA LEU A 317 23.59 -22.24 2.82
C LEU A 317 24.14 -23.46 3.57
N ALA A 318 24.29 -23.35 4.88
CA ALA A 318 24.62 -24.50 5.76
C ALA A 318 23.62 -25.64 5.50
N VAL A 319 22.31 -25.36 5.54
CA VAL A 319 21.25 -26.42 5.42
C VAL A 319 21.37 -27.13 4.06
N CYS A 320 21.59 -26.37 2.99
CA CYS A 320 21.69 -26.89 1.60
C CYS A 320 22.94 -27.76 1.49
N GLN A 321 24.06 -27.27 2.04
CA GLN A 321 25.35 -28.02 2.07
C GLN A 321 25.08 -29.37 2.72
N GLN A 322 24.41 -29.35 3.89
CA GLN A 322 24.15 -30.61 4.65
C GLN A 322 23.26 -31.50 3.78
N CYS A 323 22.28 -30.90 3.09
CA CYS A 323 21.22 -31.61 2.32
C CYS A 323 21.79 -32.28 1.06
N LEU A 324 23.00 -31.95 0.62
CA LEU A 324 23.72 -32.71 -0.44
C LEU A 324 23.94 -34.16 0.00
N SER A 325 24.03 -34.42 1.31
CA SER A 325 24.30 -35.76 1.88
C SER A 325 23.00 -36.54 2.11
N ASN A 326 21.82 -35.98 1.82
CA ASN A 326 20.49 -36.66 1.95
C ASN A 326 20.47 -37.84 0.97
N VAL A 327 20.00 -39.03 1.37
CA VAL A 327 19.99 -40.25 0.49
C VAL A 327 19.20 -39.97 -0.79
N ASN A 328 18.09 -39.23 -0.69
CA ASN A 328 17.14 -39.06 -1.83
C ASN A 328 17.76 -38.11 -2.87
N THR A 329 17.95 -38.55 -4.11
CA THR A 329 18.68 -37.72 -5.11
C THR A 329 17.83 -36.48 -5.44
N PRO A 330 16.47 -36.48 -5.40
CA PRO A 330 15.73 -35.24 -5.64
C PRO A 330 16.05 -34.09 -4.68
N VAL A 331 16.48 -34.41 -3.46
CA VAL A 331 16.89 -33.42 -2.42
C VAL A 331 18.27 -32.87 -2.80
N LYS A 332 19.24 -33.75 -3.05
CA LYS A 332 20.61 -33.38 -3.52
C LYS A 332 20.53 -32.41 -4.71
N GLU A 333 19.72 -32.76 -5.69
CA GLU A 333 19.49 -31.92 -6.87
C GLU A 333 18.95 -30.57 -6.43
N GLN A 334 17.92 -30.53 -5.59
CA GLN A 334 17.28 -29.24 -5.18
C GLN A 334 18.33 -28.41 -4.44
N ALA A 335 18.93 -28.96 -3.38
CA ALA A 335 20.04 -28.34 -2.63
C ALA A 335 21.11 -27.87 -3.61
N PHE A 336 21.56 -28.74 -4.52
CA PHE A 336 22.59 -28.34 -5.51
C PHE A 336 22.09 -27.09 -6.27
N MET A 337 20.87 -27.13 -6.83
CA MET A 337 20.35 -26.02 -7.66
C MET A 337 20.40 -24.73 -6.85
N LEU A 338 20.02 -24.79 -5.57
CA LEU A 338 19.88 -23.58 -4.73
C LEU A 338 21.28 -23.04 -4.39
N LEU A 339 22.19 -23.91 -3.99
CA LEU A 339 23.62 -23.55 -3.75
C LEU A 339 24.10 -22.72 -4.94
N CYS A 340 23.82 -23.16 -6.18
CA CYS A 340 24.42 -22.61 -7.41
C CYS A 340 23.74 -21.28 -7.80
N ASP A 341 22.48 -21.08 -7.40
CA ASP A 341 21.77 -19.77 -7.48
C ASP A 341 22.32 -18.83 -6.41
N LEU A 342 22.22 -19.23 -5.14
CA LEU A 342 22.55 -18.38 -3.96
C LEU A 342 24.02 -17.94 -4.07
N LEU A 343 24.94 -18.87 -4.30
CA LEU A 343 26.39 -18.56 -4.39
C LEU A 343 26.65 -17.56 -5.54
N MET A 344 25.78 -17.49 -6.54
CA MET A 344 25.93 -16.52 -7.66
C MET A 344 25.34 -15.18 -7.24
N ILE A 345 24.21 -15.19 -6.49
CA ILE A 345 23.40 -14.01 -6.07
C ILE A 345 24.10 -13.24 -4.95
N PHE A 346 24.68 -13.97 -3.97
CA PHE A 346 25.40 -13.42 -2.80
C PHE A 346 26.92 -13.49 -3.05
N SER A 347 27.30 -13.47 -4.33
CA SER A 347 28.67 -13.19 -4.84
C SER A 347 28.93 -11.70 -4.82
N HIS A 348 30.02 -11.25 -5.44
CA HIS A 348 30.46 -9.83 -5.46
C HIS A 348 29.69 -9.07 -6.53
N GLN A 349 28.96 -9.76 -7.40
CA GLN A 349 28.01 -9.14 -8.37
C GLN A 349 27.04 -8.26 -7.58
N LEU A 350 26.67 -8.70 -6.37
CA LEU A 350 25.70 -8.01 -5.49
C LEU A 350 26.16 -6.57 -5.20
N MET A 351 27.43 -6.25 -5.43
CA MET A 351 27.98 -4.87 -5.28
C MET A 351 28.16 -4.21 -6.65
N THR A 352 27.31 -4.53 -7.63
CA THR A 352 27.17 -3.73 -8.89
C THR A 352 26.23 -2.54 -8.64
N GLY A 353 26.03 -1.70 -9.68
CA GLY A 353 25.12 -0.54 -9.65
C GLY A 353 25.17 0.15 -8.29
N GLY A 354 26.33 0.71 -7.95
CA GLY A 354 26.56 1.61 -6.80
C GLY A 354 25.94 1.09 -5.50
N ARG A 355 25.70 -0.22 -5.40
CA ARG A 355 25.08 -0.86 -4.21
C ARG A 355 26.20 -1.47 -3.36
N GLU A 356 27.22 -0.68 -2.98
CA GLU A 356 28.39 -1.17 -2.17
C GLU A 356 28.04 -1.23 -0.68
N GLY A 357 26.82 -0.84 -0.31
CA GLY A 357 26.28 -1.00 1.05
C GLY A 357 26.08 -2.47 1.39
N LEU A 358 25.93 -3.31 0.35
CA LEU A 358 25.54 -4.74 0.48
C LEU A 358 26.75 -5.66 0.80
N GLN A 359 27.96 -5.13 0.92
CA GLN A 359 29.20 -5.94 1.12
C GLN A 359 29.02 -6.97 2.25
N PRO A 360 28.33 -6.66 3.36
CA PRO A 360 28.18 -7.64 4.44
C PRO A 360 27.36 -8.87 4.04
N LEU A 361 26.60 -8.76 2.95
CA LEU A 361 25.77 -9.87 2.40
C LEU A 361 26.60 -10.75 1.45
N VAL A 362 27.89 -10.47 1.19
CA VAL A 362 28.70 -11.24 0.19
C VAL A 362 29.25 -12.50 0.86
N PHE A 363 29.28 -13.63 0.14
CA PHE A 363 29.57 -14.99 0.66
C PHE A 363 30.51 -15.74 -0.28
N ASN A 364 31.68 -16.11 0.22
CA ASN A 364 32.63 -16.95 -0.55
C ASN A 364 32.51 -18.37 -0.02
N PRO A 365 32.19 -19.35 -0.89
CA PRO A 365 32.04 -20.72 -0.42
C PRO A 365 33.43 -21.23 0.00
N ASP A 366 33.49 -22.01 1.09
CA ASP A 366 34.77 -22.52 1.62
C ASP A 366 35.26 -23.62 0.70
N THR A 367 36.40 -24.26 1.03
CA THR A 367 37.00 -25.37 0.24
C THR A 367 36.08 -26.59 0.35
N GLY A 368 35.66 -26.91 1.59
CA GLY A 368 34.80 -28.06 1.88
C GLY A 368 33.57 -28.06 0.99
N LEU A 369 32.89 -26.91 0.93
CA LEU A 369 31.64 -26.71 0.15
C LEU A 369 31.97 -26.80 -1.34
N GLN A 370 32.99 -26.06 -1.81
CA GLN A 370 33.46 -26.16 -3.20
C GLN A 370 33.70 -27.63 -3.58
N SER A 371 34.35 -28.42 -2.71
CA SER A 371 34.65 -29.84 -2.97
C SER A 371 33.35 -30.66 -3.06
N GLU A 372 32.33 -30.34 -2.26
CA GLU A 372 31.03 -31.04 -2.30
C GLU A 372 30.27 -30.68 -3.59
N LEU A 373 30.40 -29.43 -4.04
CA LEU A 373 29.79 -28.95 -5.31
C LEU A 373 30.53 -29.57 -6.50
N LEU A 374 31.79 -30.00 -6.32
CA LEU A 374 32.53 -30.77 -7.34
C LEU A 374 31.98 -32.20 -7.35
N SER A 375 31.92 -32.87 -6.18
CA SER A 375 31.40 -34.24 -5.96
C SER A 375 30.06 -34.49 -6.69
N PHE A 376 29.03 -33.70 -6.38
CA PHE A 376 27.68 -33.80 -6.97
C PHE A 376 27.77 -33.86 -8.50
N VAL A 377 28.62 -33.03 -9.12
CA VAL A 377 28.79 -32.99 -10.61
C VAL A 377 29.28 -34.36 -11.10
N MET A 378 30.32 -34.92 -10.47
CA MET A 378 30.92 -36.25 -10.81
C MET A 378 29.91 -37.39 -10.58
N ASP A 379 29.06 -37.24 -9.55
CA ASP A 379 28.15 -38.31 -9.06
C ASP A 379 26.79 -38.23 -9.77
N HIS A 380 26.31 -37.02 -10.10
CA HIS A 380 24.88 -36.82 -10.49
C HIS A 380 24.73 -36.08 -11.83
N VAL A 381 25.70 -35.30 -12.29
CA VAL A 381 25.66 -34.79 -13.70
C VAL A 381 26.19 -35.90 -14.62
N PHE A 382 27.39 -36.42 -14.34
CA PHE A 382 28.14 -37.38 -15.19
C PHE A 382 27.92 -38.81 -14.69
N ILE A 383 26.86 -39.44 -15.22
CA ILE A 383 26.37 -40.78 -14.78
C ILE A 383 26.39 -41.77 -15.96
N ASP A 384 26.70 -43.04 -15.65
CA ASP A 384 26.87 -44.17 -16.61
C ASP A 384 25.55 -44.50 -17.33
N GLN A 385 24.49 -44.69 -16.55
CA GLN A 385 23.11 -45.00 -17.03
C GLN A 385 22.15 -44.80 -15.85
N GLU A 399 10.92 -44.11 -22.11
CA GLU A 399 11.70 -43.19 -22.99
C GLU A 399 11.60 -41.76 -22.45
N ALA A 400 10.46 -41.09 -22.68
CA ALA A 400 10.27 -39.62 -22.59
C ALA A 400 10.95 -39.06 -21.33
N ASN A 401 10.97 -39.84 -20.24
CA ASN A 401 11.54 -39.44 -18.92
C ASN A 401 13.05 -39.13 -19.03
N LYS A 402 13.76 -39.66 -20.04
CA LYS A 402 15.24 -39.56 -20.11
C LYS A 402 15.65 -38.32 -20.92
N ILE A 403 14.95 -37.95 -22.00
CA ILE A 403 15.26 -36.65 -22.68
C ILE A 403 15.03 -35.52 -21.68
N GLU A 404 14.16 -35.76 -20.67
CA GLU A 404 13.78 -34.75 -19.64
C GLU A 404 14.85 -34.73 -18.54
N ALA A 405 15.21 -35.90 -18.01
CA ALA A 405 16.25 -36.02 -16.97
C ALA A 405 17.63 -35.61 -17.53
N LEU A 406 17.85 -35.63 -18.85
CA LEU A 406 19.09 -35.09 -19.49
C LEU A 406 19.08 -33.55 -19.42
N HIS A 407 17.98 -32.91 -19.81
CA HIS A 407 17.89 -31.42 -19.85
C HIS A 407 18.16 -30.88 -18.43
N LYS A 408 17.71 -31.61 -17.41
CA LYS A 408 17.89 -31.25 -15.97
C LYS A 408 19.39 -31.24 -15.63
N ARG A 409 20.07 -32.35 -15.88
CA ARG A 409 21.53 -32.49 -15.63
C ARG A 409 22.26 -31.41 -16.43
N ARG A 410 21.76 -31.09 -17.63
CA ARG A 410 22.30 -29.97 -18.45
C ARG A 410 22.16 -28.69 -17.63
N ASN A 411 20.96 -28.40 -17.11
CA ASN A 411 20.66 -27.15 -16.35
C ASN A 411 21.52 -27.14 -15.08
N LEU A 412 21.63 -28.30 -14.41
CA LEU A 412 22.45 -28.43 -13.19
C LEU A 412 23.90 -28.09 -13.52
N LEU A 413 24.44 -28.53 -14.66
CA LEU A 413 25.85 -28.23 -15.00
C LEU A 413 25.95 -26.75 -15.37
N ALA A 414 24.96 -26.22 -16.09
CA ALA A 414 24.99 -24.83 -16.61
C ALA A 414 24.93 -23.86 -15.42
N ALA A 415 24.17 -24.23 -14.39
CA ALA A 415 24.06 -23.44 -13.14
C ALA A 415 25.40 -23.46 -12.41
N PHE A 416 26.09 -24.61 -12.45
CA PHE A 416 27.42 -24.81 -11.82
C PHE A 416 28.47 -24.13 -12.69
N SER A 417 28.28 -24.13 -14.00
CA SER A 417 29.24 -23.53 -14.97
C SER A 417 29.45 -22.05 -14.62
N LYS A 418 28.38 -21.33 -14.25
CA LYS A 418 28.46 -19.87 -13.94
C LYS A 418 29.44 -19.65 -12.77
N LEU A 419 29.48 -20.56 -11.80
CA LEU A 419 30.33 -20.40 -10.60
C LEU A 419 31.79 -20.55 -10.99
N ILE A 420 32.05 -21.38 -12.01
CA ILE A 420 33.44 -21.66 -12.50
C ILE A 420 33.95 -20.39 -13.17
N ILE A 421 33.18 -19.83 -14.11
CA ILE A 421 33.56 -18.64 -14.93
C ILE A 421 34.05 -17.50 -14.00
N TYR A 422 33.43 -17.27 -12.84
CA TYR A 422 33.74 -16.12 -11.94
C TYR A 422 34.54 -16.59 -10.72
N ASP A 423 35.13 -17.78 -10.83
CA ASP A 423 36.11 -18.35 -9.86
C ASP A 423 35.48 -18.42 -8.47
N ILE A 424 34.17 -18.63 -8.37
CA ILE A 424 33.45 -18.78 -7.07
C ILE A 424 33.73 -20.18 -6.54
N VAL A 425 33.84 -21.18 -7.44
CA VAL A 425 34.50 -22.50 -7.18
C VAL A 425 35.87 -22.50 -7.86
N ASP A 426 36.74 -23.41 -7.41
CA ASP A 426 38.09 -23.65 -7.99
C ASP A 426 37.93 -23.98 -9.47
N MET A 427 38.35 -23.07 -10.37
CA MET A 427 38.12 -23.23 -11.83
C MET A 427 38.99 -24.37 -12.38
N HIS A 428 40.13 -24.68 -11.72
CA HIS A 428 41.11 -25.70 -12.18
C HIS A 428 40.58 -27.11 -11.87
N ALA A 429 40.22 -27.40 -10.61
CA ALA A 429 39.62 -28.70 -10.17
C ALA A 429 38.41 -29.04 -11.02
N ALA A 430 37.62 -28.04 -11.41
CA ALA A 430 36.46 -28.18 -12.30
C ALA A 430 36.94 -28.75 -13.64
N ALA A 431 37.83 -28.04 -14.35
CA ALA A 431 38.25 -28.35 -15.73
C ALA A 431 38.97 -29.70 -15.77
N ASP A 432 39.64 -30.07 -14.68
CA ASP A 432 40.22 -31.43 -14.48
C ASP A 432 39.09 -32.44 -14.65
N ILE A 433 37.99 -32.28 -13.90
CA ILE A 433 36.81 -33.18 -14.02
C ILE A 433 36.34 -33.19 -15.48
N PHE A 434 36.32 -32.06 -16.19
CA PHE A 434 35.84 -32.00 -17.60
C PHE A 434 36.86 -32.70 -18.52
N LYS A 435 38.16 -32.67 -18.17
CA LYS A 435 39.17 -33.51 -18.85
C LYS A 435 38.74 -34.98 -18.72
N HIS A 436 38.73 -35.53 -17.49
CA HIS A 436 38.43 -36.95 -17.14
C HIS A 436 37.23 -37.48 -17.93
N TYR A 437 36.17 -36.68 -18.10
CA TYR A 437 34.88 -37.11 -18.67
C TYR A 437 34.83 -36.84 -20.19
N MET A 438 35.73 -36.01 -20.74
CA MET A 438 35.81 -35.74 -22.21
C MET A 438 36.94 -36.57 -22.84
N LYS A 439 37.71 -37.30 -22.02
CA LYS A 439 38.95 -38.02 -22.43
C LYS A 439 38.73 -38.72 -23.78
N TYR A 440 37.72 -39.60 -23.87
CA TYR A 440 37.44 -40.42 -25.08
C TYR A 440 37.16 -39.53 -26.30
N TYR A 441 36.63 -38.32 -26.14
CA TYR A 441 36.47 -37.36 -27.26
C TYR A 441 37.87 -36.87 -27.68
N ASN A 442 38.77 -36.65 -26.72
CA ASN A 442 40.11 -36.07 -26.98
C ASN A 442 41.09 -37.17 -27.43
N ASP A 443 40.76 -38.43 -27.24
CA ASP A 443 41.69 -39.56 -27.50
C ASP A 443 41.31 -40.29 -28.79
N TYR A 444 40.05 -40.23 -29.23
CA TYR A 444 39.54 -41.09 -30.33
C TYR A 444 38.53 -40.36 -31.24
N GLY A 445 38.31 -39.05 -31.04
CA GLY A 445 37.18 -38.32 -31.66
C GLY A 445 37.41 -38.04 -33.13
N ASP A 446 38.61 -37.58 -33.48
CA ASP A 446 39.02 -37.33 -34.88
C ASP A 446 38.77 -38.61 -35.67
N ILE A 447 39.19 -39.77 -35.13
CA ILE A 447 39.08 -41.10 -35.79
C ILE A 447 37.60 -41.47 -35.95
N ILE A 448 36.79 -41.24 -34.93
CA ILE A 448 35.32 -41.47 -34.96
C ILE A 448 34.67 -40.48 -35.95
N LYS A 449 35.18 -39.24 -36.03
CA LYS A 449 34.55 -38.18 -36.85
C LYS A 449 34.61 -38.61 -38.33
N GLU A 450 35.83 -38.82 -38.85
CA GLU A 450 36.08 -39.10 -40.29
C GLU A 450 35.40 -40.43 -40.67
N THR A 451 35.43 -41.43 -39.78
CA THR A 451 34.78 -42.75 -39.98
C THR A 451 33.29 -42.58 -40.29
N LEU A 452 32.60 -41.71 -39.56
CA LEU A 452 31.12 -41.57 -39.62
C LEU A 452 30.73 -40.71 -40.84
N SER A 453 31.60 -39.78 -41.25
CA SER A 453 31.43 -38.97 -42.49
C SER A 453 31.31 -39.90 -43.72
N LYS A 454 32.13 -40.96 -43.80
CA LYS A 454 32.18 -41.89 -44.96
C LYS A 454 31.24 -43.09 -44.75
N THR A 455 29.97 -42.87 -44.37
CA THR A 455 28.88 -43.88 -44.41
C THR A 455 27.56 -43.16 -44.73
N PRO B 4 29.12 14.97 -2.64
CA PRO B 4 30.00 16.10 -3.06
C PRO B 4 29.88 17.34 -2.15
N ASN B 5 28.65 17.62 -1.69
CA ASN B 5 28.24 18.81 -0.89
C ASN B 5 27.98 18.40 0.56
N GLY B 6 28.30 17.16 0.92
CA GLY B 6 27.94 16.61 2.24
C GLY B 6 28.41 17.52 3.36
N ASN B 7 29.64 18.02 3.26
CA ASN B 7 30.26 18.85 4.33
C ASN B 7 29.56 20.22 4.37
N LEU B 8 29.45 20.89 3.22
CA LEU B 8 28.89 22.27 3.09
C LEU B 8 27.53 22.36 3.78
N ILE B 9 26.65 21.38 3.57
CA ILE B 9 25.30 21.31 4.23
C ILE B 9 25.52 21.16 5.73
N ARG B 10 26.38 20.22 6.16
CA ARG B 10 26.51 19.91 7.61
C ARG B 10 27.01 21.18 8.31
N MET B 11 27.76 22.03 7.61
CA MET B 11 28.23 23.32 8.19
C MET B 11 27.11 24.36 8.16
N LEU B 12 26.37 24.45 7.06
CA LEU B 12 25.17 25.31 7.00
C LEU B 12 24.33 25.02 8.24
N VAL B 13 24.16 23.75 8.58
CA VAL B 13 23.33 23.37 9.75
C VAL B 13 23.92 24.04 11.00
N LEU B 14 25.24 23.92 11.24
CA LEU B 14 25.94 24.52 12.42
C LEU B 14 25.77 26.03 12.40
N PHE B 15 26.21 26.66 11.33
CA PHE B 15 26.13 28.12 11.14
C PHE B 15 24.72 28.57 11.54
N PHE B 16 23.71 27.74 11.30
CA PHE B 16 22.28 28.11 11.49
C PHE B 16 21.93 28.14 12.98
N LEU B 17 22.22 27.10 13.77
CA LEU B 17 21.67 27.03 15.15
C LEU B 17 22.67 27.49 16.23
N GLU B 18 23.96 27.60 15.94
CA GLU B 18 24.89 28.25 16.90
C GLU B 18 24.89 29.76 16.66
N SER B 19 24.18 30.27 15.65
CA SER B 19 23.79 31.70 15.54
C SER B 19 22.76 32.04 16.62
N GLU B 20 22.14 31.03 17.23
CA GLU B 20 21.10 31.14 18.30
C GLU B 20 19.99 32.11 17.83
N LEU B 21 19.66 32.07 16.53
CA LEU B 21 18.47 32.73 15.91
C LEU B 21 17.63 31.64 15.25
N HIS B 22 16.99 30.77 16.04
CA HIS B 22 16.27 29.56 15.57
C HIS B 22 14.97 29.92 14.85
N GLU B 23 14.53 31.17 14.93
CA GLU B 23 13.30 31.66 14.26
C GLU B 23 13.64 32.16 12.85
N HIS B 24 14.88 31.98 12.37
CA HIS B 24 15.40 32.66 11.15
C HIS B 24 15.63 31.69 9.98
N ALA B 25 15.14 30.44 10.09
CA ALA B 25 15.43 29.35 9.12
C ALA B 25 15.08 29.82 7.70
N ALA B 26 13.89 30.39 7.51
CA ALA B 26 13.45 30.91 6.19
C ALA B 26 14.33 32.10 5.80
N TYR B 27 14.69 32.94 6.77
CA TYR B 27 15.42 34.22 6.54
C TYR B 27 16.82 33.88 6.01
N LEU B 28 17.46 32.88 6.62
CA LEU B 28 18.80 32.36 6.19
C LEU B 28 18.71 31.88 4.73
N VAL B 29 17.80 30.95 4.43
CA VAL B 29 17.67 30.34 3.08
C VAL B 29 17.45 31.45 2.03
N ASP B 30 16.68 32.49 2.34
CA ASP B 30 16.40 33.58 1.37
C ASP B 30 17.63 34.47 1.17
N SER B 31 18.33 34.82 2.25
CA SER B 31 19.53 35.70 2.19
C SER B 31 20.69 34.94 1.53
N LEU B 32 20.59 33.60 1.39
CA LEU B 32 21.63 32.76 0.74
C LEU B 32 21.22 32.40 -0.69
N TRP B 33 19.97 32.67 -1.06
CA TRP B 33 19.33 32.09 -2.27
C TRP B 33 20.00 32.65 -3.54
N GLU B 34 20.24 33.97 -3.61
CA GLU B 34 20.87 34.61 -4.80
C GLU B 34 22.16 33.84 -5.13
N SER B 35 23.06 33.70 -4.15
CA SER B 35 24.42 33.11 -4.33
C SER B 35 24.39 31.58 -4.42
N SER B 36 23.60 30.88 -3.60
CA SER B 36 23.85 29.45 -3.30
C SER B 36 22.64 28.52 -3.54
N GLN B 37 21.77 28.81 -4.52
CA GLN B 37 20.55 27.98 -4.73
C GLN B 37 20.93 26.62 -5.30
N GLU B 38 21.94 26.52 -6.17
CA GLU B 38 22.43 25.19 -6.69
C GLU B 38 22.67 24.24 -5.50
N LEU B 39 23.28 24.70 -4.40
CA LEU B 39 23.61 23.86 -3.21
C LEU B 39 22.33 23.65 -2.39
N LEU B 40 21.54 24.71 -2.27
CA LEU B 40 20.32 24.75 -1.42
C LEU B 40 19.22 23.86 -2.01
N LYS B 41 19.25 23.59 -3.33
CA LYS B 41 18.34 22.61 -4.00
C LYS B 41 18.92 21.18 -4.06
N ASP B 42 20.14 20.89 -3.57
CA ASP B 42 20.67 19.50 -3.57
C ASP B 42 19.89 18.71 -2.50
N TRP B 43 18.63 18.36 -2.81
CA TRP B 43 17.69 17.68 -1.88
C TRP B 43 18.17 16.24 -1.61
N GLU B 44 18.75 15.60 -2.65
CA GLU B 44 19.27 14.21 -2.60
C GLU B 44 20.36 14.12 -1.53
N CYS B 45 21.25 15.10 -1.49
CA CYS B 45 22.30 15.20 -0.44
C CYS B 45 21.64 15.23 0.94
N MET B 46 20.60 16.07 1.14
CA MET B 46 20.00 16.33 2.50
C MET B 46 19.25 15.07 2.99
N THR B 47 18.55 14.37 2.09
CA THR B 47 17.82 13.11 2.38
C THR B 47 18.85 12.06 2.81
N GLU B 48 19.89 11.89 1.96
CA GLU B 48 21.13 11.10 2.23
C GLU B 48 21.59 11.37 3.68
N LEU B 49 21.87 12.63 4.04
CA LEU B 49 22.40 12.98 5.40
C LEU B 49 21.42 12.53 6.49
N LEU B 50 20.12 12.46 6.19
CA LEU B 50 19.07 12.17 7.21
C LEU B 50 18.82 10.66 7.33
N LEU B 51 18.95 9.90 6.23
CA LEU B 51 18.45 8.50 6.13
C LEU B 51 19.54 7.44 6.38
N GLU B 52 20.84 7.79 6.39
CA GLU B 52 21.97 6.80 6.37
C GLU B 52 22.93 7.05 7.54
N GLU B 53 24.05 6.31 7.53
CA GLU B 53 25.36 6.69 8.17
C GLU B 53 26.45 6.49 7.11
N ALA B 60 28.23 11.59 13.00
CA ALA B 60 27.07 11.40 13.91
C ALA B 60 26.39 12.74 14.21
N MET B 61 25.30 13.07 13.51
CA MET B 61 24.52 14.34 13.68
C MET B 61 23.79 14.30 15.03
N SER B 62 23.76 15.41 15.77
CA SER B 62 23.05 15.47 17.07
C SER B 62 21.54 15.36 16.80
N ASP B 63 20.72 15.30 17.85
CA ASP B 63 19.24 15.26 17.72
C ASP B 63 18.82 16.62 17.17
N ARG B 64 19.06 17.67 17.94
CA ARG B 64 18.79 19.08 17.60
C ARG B 64 19.30 19.41 16.18
N GLN B 65 20.36 18.76 15.70
CA GLN B 65 21.00 19.04 14.37
C GLN B 65 20.11 18.45 13.26
N GLU B 66 19.44 17.32 13.52
CA GLU B 66 18.54 16.68 12.53
C GLU B 66 17.29 17.54 12.37
N SER B 67 16.60 17.85 13.48
CA SER B 67 15.53 18.88 13.52
C SER B 67 15.90 20.02 12.57
N ALA B 68 17.02 20.66 12.88
CA ALA B 68 17.50 21.85 12.14
C ALA B 68 17.71 21.52 10.66
N LEU B 69 18.18 20.33 10.33
CA LEU B 69 18.39 20.04 8.89
C LEU B 69 17.03 19.88 8.23
N ILE B 70 16.11 19.18 8.91
CA ILE B 70 14.74 18.96 8.37
C ILE B 70 14.09 20.32 8.12
N GLU B 71 14.17 21.23 9.08
CA GLU B 71 13.53 22.57 8.94
C GLU B 71 14.15 23.35 7.79
N LEU B 72 15.45 23.21 7.57
CA LEU B 72 16.11 23.96 6.46
C LEU B 72 15.77 23.27 5.15
N MET B 73 15.53 21.96 5.19
CA MET B 73 15.15 21.25 3.96
C MET B 73 13.76 21.72 3.55
N VAL B 74 12.82 21.75 4.50
CA VAL B 74 11.44 22.21 4.17
C VAL B 74 11.48 23.62 3.59
N CYS B 75 12.27 24.52 4.14
CA CYS B 75 12.35 25.90 3.63
C CYS B 75 12.92 25.91 2.22
N THR B 76 13.89 25.06 1.92
CA THR B 76 14.47 25.13 0.56
C THR B 76 13.39 24.82 -0.47
N ILE B 77 12.61 23.79 -0.21
CA ILE B 77 11.50 23.37 -1.09
C ILE B 77 10.63 24.59 -1.39
N ARG B 78 9.99 25.15 -0.37
CA ARG B 78 9.18 26.39 -0.54
C ARG B 78 9.92 27.34 -1.50
N GLN B 79 11.05 27.90 -1.10
CA GLN B 79 11.71 29.00 -1.87
C GLN B 79 11.80 28.56 -3.33
N ALA B 80 12.07 27.27 -3.58
CA ALA B 80 12.16 26.68 -4.94
C ALA B 80 10.79 26.80 -5.62
N ALA B 81 9.77 26.15 -5.03
CA ALA B 81 8.39 26.01 -5.56
C ALA B 81 7.75 27.39 -5.83
N GLU B 82 7.59 28.22 -4.80
CA GLU B 82 6.88 29.53 -4.89
C GLU B 82 7.74 30.57 -5.64
N ALA B 83 9.07 30.48 -5.55
CA ALA B 83 10.06 31.29 -6.32
C ALA B 83 9.90 32.78 -5.98
N HIS B 84 9.68 33.08 -4.69
CA HIS B 84 9.67 34.46 -4.13
C HIS B 84 10.15 34.41 -2.69
N PRO B 85 10.68 35.53 -2.13
CA PRO B 85 11.02 35.61 -0.71
C PRO B 85 9.89 35.24 0.25
N PRO B 86 10.20 34.74 1.48
CA PRO B 86 9.17 34.29 2.41
C PRO B 86 8.45 35.45 3.11
N VAL B 87 7.43 35.12 3.90
CA VAL B 87 6.57 36.12 4.62
C VAL B 87 7.45 37.13 5.35
N GLY B 88 7.48 38.38 4.85
CA GLY B 88 8.14 39.54 5.47
C GLY B 88 9.43 39.93 4.75
N ARG B 89 9.50 39.82 3.42
CA ARG B 89 10.71 40.17 2.64
C ARG B 89 10.36 40.78 1.26
N GLY B 90 9.14 40.58 0.73
CA GLY B 90 8.77 41.04 -0.63
C GLY B 90 8.49 42.53 -0.67
N VAL B 95 7.95 40.08 -10.55
CA VAL B 95 7.96 40.27 -12.03
C VAL B 95 9.02 39.32 -12.64
N LEU B 96 8.64 38.07 -12.94
CA LEU B 96 9.54 36.95 -13.34
C LEU B 96 10.09 37.16 -14.76
N THR B 97 11.29 36.62 -15.03
CA THR B 97 12.05 36.83 -16.30
C THR B 97 11.41 36.07 -17.46
N ALA B 98 10.91 34.85 -17.20
CA ALA B 98 10.64 33.77 -18.19
C ALA B 98 11.82 32.79 -18.14
N LYS B 99 13.02 33.27 -17.78
CA LYS B 99 14.20 32.45 -17.39
C LYS B 99 14.08 31.99 -15.94
N GLU B 100 13.61 32.86 -15.03
CA GLU B 100 13.30 32.48 -13.63
C GLU B 100 12.03 31.62 -13.62
N ARG B 101 11.03 32.07 -14.39
CA ARG B 101 9.75 31.34 -14.62
C ARG B 101 10.06 29.95 -15.19
N LYS B 102 11.11 29.83 -16.02
CA LYS B 102 11.63 28.52 -16.50
C LYS B 102 12.03 27.70 -15.26
N THR B 103 13.11 28.10 -14.57
CA THR B 103 13.81 27.29 -13.53
C THR B 103 12.82 26.88 -12.42
N GLN B 104 11.84 27.72 -12.09
CA GLN B 104 10.77 27.44 -11.09
C GLN B 104 10.01 26.16 -11.45
N ILE B 105 9.78 25.94 -12.75
CA ILE B 105 9.05 24.76 -13.28
C ILE B 105 9.97 23.53 -13.11
N ASP B 106 11.24 23.67 -13.46
CA ASP B 106 12.27 22.60 -13.43
C ASP B 106 12.39 22.06 -12.00
N ASP B 107 12.38 22.98 -11.02
CA ASP B 107 12.56 22.70 -9.57
C ASP B 107 11.36 21.90 -9.04
N ARG B 108 10.16 22.48 -9.18
CA ARG B 108 8.88 21.89 -8.74
C ARG B 108 8.90 20.40 -9.09
N ASN B 109 9.22 20.09 -10.35
CA ASN B 109 9.24 18.72 -10.92
C ASN B 109 10.29 17.89 -10.18
N LYS B 110 11.51 18.41 -10.14
CA LYS B 110 12.69 17.78 -9.49
C LYS B 110 12.32 17.43 -8.03
N LEU B 111 11.74 18.41 -7.31
CA LEU B 111 11.49 18.29 -5.85
C LEU B 111 10.40 17.24 -5.63
N THR B 112 9.33 17.34 -6.42
CA THR B 112 8.16 16.41 -6.40
C THR B 112 8.69 14.99 -6.60
N GLU B 113 9.49 14.82 -7.66
CA GLU B 113 10.08 13.53 -8.06
C GLU B 113 10.85 12.98 -6.85
N HIS B 114 11.84 13.72 -6.35
CA HIS B 114 12.76 13.17 -5.30
C HIS B 114 11.92 12.77 -4.07
N PHE B 115 11.03 13.65 -3.61
CA PHE B 115 10.45 13.58 -2.24
C PHE B 115 9.31 12.57 -2.17
N ILE B 116 8.53 12.43 -3.26
CA ILE B 116 7.51 11.35 -3.41
C ILE B 116 8.15 10.02 -2.94
N ILE B 117 9.39 9.77 -3.35
CA ILE B 117 10.11 8.48 -3.10
C ILE B 117 10.59 8.45 -1.64
N THR B 118 11.16 9.55 -1.16
CA THR B 118 12.06 9.61 0.02
C THR B 118 11.31 10.01 1.29
N LEU B 119 10.26 10.85 1.15
CA LEU B 119 9.44 11.40 2.26
C LEU B 119 8.78 10.25 3.03
N PRO B 120 8.14 9.27 2.34
CA PRO B 120 7.68 8.07 3.05
C PRO B 120 8.75 7.47 3.97
N MET B 121 10.03 7.54 3.58
CA MET B 121 11.17 6.94 4.34
C MET B 121 11.55 7.88 5.50
N LEU B 122 11.58 9.19 5.25
CA LEU B 122 11.87 10.21 6.30
C LEU B 122 10.87 10.04 7.44
N LEU B 123 9.57 10.05 7.11
CA LEU B 123 8.45 9.87 8.08
C LEU B 123 8.63 8.55 8.83
N SER B 124 9.01 7.50 8.09
CA SER B 124 9.30 6.14 8.61
C SER B 124 10.40 6.21 9.67
N LYS B 125 11.45 7.02 9.43
CA LYS B 125 12.62 7.15 10.35
C LYS B 125 12.21 7.93 11.60
N TYR B 126 11.71 9.17 11.45
CA TYR B 126 11.55 10.13 12.58
C TYR B 126 10.15 10.04 13.18
N SER B 127 9.43 8.93 12.92
CA SER B 127 7.97 8.77 13.17
C SER B 127 7.62 9.10 14.63
N ALA B 128 8.51 8.83 15.60
CA ALA B 128 8.23 9.06 17.04
C ALA B 128 8.43 10.53 17.46
N ASP B 129 9.04 11.39 16.60
CA ASP B 129 9.36 12.80 16.95
C ASP B 129 8.19 13.71 16.55
N ALA B 130 7.48 14.25 17.53
CA ALA B 130 6.29 15.11 17.33
C ALA B 130 6.61 16.16 16.26
N GLU B 131 7.52 17.08 16.57
CA GLU B 131 7.76 18.31 15.77
C GLU B 131 8.61 18.04 14.52
N LYS B 132 9.24 16.87 14.36
CA LYS B 132 10.03 16.56 13.13
C LYS B 132 9.08 16.08 12.04
N VAL B 133 8.09 15.28 12.43
CA VAL B 133 6.99 14.77 11.56
C VAL B 133 6.20 15.98 11.05
N ALA B 134 5.69 16.81 11.99
CA ALA B 134 4.93 18.03 11.67
C ALA B 134 5.63 18.72 10.51
N ASN B 135 6.95 18.86 10.64
CA ASN B 135 7.79 19.69 9.75
C ASN B 135 7.91 18.97 8.40
N LEU B 136 8.04 17.65 8.41
CA LEU B 136 8.10 16.84 7.16
C LEU B 136 6.78 16.99 6.40
N LEU B 137 5.64 16.84 7.09
CA LEU B 137 4.28 16.85 6.50
C LEU B 137 3.95 18.21 5.87
N GLN B 138 4.82 19.23 6.00
CA GLN B 138 4.66 20.50 5.25
C GLN B 138 5.09 20.31 3.79
N ILE B 139 5.64 19.14 3.44
CA ILE B 139 6.31 18.91 2.12
C ILE B 139 5.26 18.70 1.01
N PRO B 140 4.33 17.71 1.15
CA PRO B 140 3.36 17.38 0.09
C PRO B 140 2.61 18.55 -0.57
N GLN B 141 2.40 19.64 0.15
CA GLN B 141 1.66 20.83 -0.35
C GLN B 141 2.42 21.49 -1.50
N TYR B 142 3.65 21.05 -1.82
CA TYR B 142 4.52 21.77 -2.79
C TYR B 142 4.62 20.98 -4.11
N PHE B 143 4.32 19.68 -4.02
CA PHE B 143 4.16 18.75 -5.17
C PHE B 143 3.34 19.41 -6.30
N ASP B 144 3.78 19.23 -7.55
CA ASP B 144 2.88 19.21 -8.74
C ASP B 144 2.22 17.82 -8.77
N LEU B 145 1.07 17.67 -8.12
CA LEU B 145 0.50 16.37 -7.68
C LEU B 145 0.33 15.42 -8.88
N GLU B 146 0.24 15.98 -10.09
CA GLU B 146 0.16 15.27 -11.41
C GLU B 146 1.21 14.17 -11.48
N ILE B 147 2.48 14.51 -11.17
CA ILE B 147 3.69 13.63 -11.24
C ILE B 147 3.50 12.31 -10.46
N TYR B 148 2.36 12.12 -9.77
CA TYR B 148 1.95 10.82 -9.17
C TYR B 148 1.39 9.93 -10.28
N SER B 149 0.57 10.54 -11.15
CA SER B 149 -0.10 9.93 -12.35
C SER B 149 0.88 9.93 -13.54
N THR B 150 1.17 11.13 -14.08
CA THR B 150 1.87 11.36 -15.38
C THR B 150 3.32 10.84 -15.32
N GLY B 151 3.75 10.26 -14.19
CA GLY B 151 5.04 9.56 -14.04
C GLY B 151 4.95 8.20 -13.37
N ARG B 152 3.74 7.65 -13.19
CA ARG B 152 3.48 6.34 -12.54
C ARG B 152 4.39 6.15 -11.32
N MET B 153 4.07 6.89 -10.24
CA MET B 153 4.72 6.81 -8.91
C MET B 153 3.66 6.46 -7.87
N GLU B 154 2.71 5.60 -8.24
CA GLU B 154 1.58 5.12 -7.39
C GLU B 154 2.12 4.20 -6.29
N LYS B 155 3.20 3.45 -6.57
CA LYS B 155 3.91 2.63 -5.57
C LYS B 155 4.09 3.46 -4.28
N HIS B 156 4.51 4.73 -4.44
CA HIS B 156 5.10 5.61 -3.39
C HIS B 156 4.00 6.34 -2.60
N LEU B 157 2.91 6.76 -3.25
CA LEU B 157 1.68 7.25 -2.58
C LEU B 157 1.12 6.18 -1.63
N ASP B 158 1.13 4.90 -2.04
CA ASP B 158 0.64 3.78 -1.19
C ASP B 158 1.57 3.66 0.04
N ALA B 159 2.83 4.08 -0.09
CA ALA B 159 3.89 4.04 0.96
C ALA B 159 3.67 5.18 1.98
N LEU B 160 3.45 6.40 1.48
CA LEU B 160 3.13 7.62 2.25
C LEU B 160 1.97 7.34 3.23
N LEU B 161 0.81 6.96 2.68
CA LEU B 161 -0.49 6.82 3.41
C LEU B 161 -0.33 5.75 4.48
N LYS B 162 0.42 4.68 4.18
CA LYS B 162 0.72 3.62 5.17
C LYS B 162 1.46 4.24 6.38
N GLN B 163 2.21 5.33 6.17
CA GLN B 163 3.13 5.95 7.17
C GLN B 163 2.38 6.99 7.99
N ILE B 164 1.63 7.88 7.31
CA ILE B 164 0.65 8.81 7.96
C ILE B 164 -0.22 8.02 8.94
N LYS B 165 -0.73 6.86 8.52
CA LYS B 165 -1.48 5.89 9.37
C LYS B 165 -0.67 5.64 10.66
N PHE B 166 0.57 5.17 10.53
CA PHE B 166 1.42 4.72 11.67
C PHE B 166 1.71 5.91 12.60
N VAL B 167 1.83 7.12 12.03
CA VAL B 167 2.17 8.38 12.77
C VAL B 167 0.99 8.76 13.68
N VAL B 168 -0.17 8.96 13.06
CA VAL B 168 -1.40 9.53 13.69
C VAL B 168 -1.95 8.57 14.77
N GLU B 169 -1.77 7.24 14.58
CA GLU B 169 -2.18 6.20 15.56
C GLU B 169 -1.39 6.38 16.87
N LYS B 170 -0.16 6.89 16.77
CA LYS B 170 0.82 6.96 17.87
C LYS B 170 0.80 8.36 18.53
N HIS B 171 0.52 9.41 17.76
CA HIS B 171 0.73 10.82 18.18
C HIS B 171 -0.60 11.44 18.64
N VAL B 172 -0.55 12.24 19.71
CA VAL B 172 -1.73 12.90 20.35
C VAL B 172 -1.53 14.42 20.28
N GLU B 173 -0.32 14.89 19.96
CA GLU B 173 0.05 16.34 19.96
C GLU B 173 -0.68 17.02 18.79
N SER B 174 -1.46 18.07 19.07
CA SER B 174 -2.31 18.82 18.10
C SER B 174 -1.58 19.01 16.78
N ASP B 175 -0.34 19.51 16.81
CA ASP B 175 0.38 19.94 15.59
C ASP B 175 0.65 18.76 14.64
N VAL B 176 0.90 17.57 15.18
CA VAL B 176 1.13 16.35 14.36
C VAL B 176 -0.18 15.98 13.67
N LEU B 177 -1.25 15.86 14.47
CA LEU B 177 -2.59 15.41 14.02
C LEU B 177 -3.05 16.38 12.95
N GLU B 178 -2.95 17.68 13.20
CA GLU B 178 -3.44 18.72 12.26
C GLU B 178 -2.69 18.52 10.95
N ALA B 179 -1.37 18.30 11.04
CA ALA B 179 -0.49 18.19 9.86
C ALA B 179 -0.88 16.95 9.04
N CYS B 180 -1.21 15.81 9.69
CA CYS B 180 -1.73 14.59 9.01
C CYS B 180 -3.05 14.89 8.29
N SER B 181 -3.99 15.54 8.99
CA SER B 181 -5.30 15.99 8.45
C SER B 181 -5.10 16.94 7.27
N LYS B 182 -4.25 17.95 7.40
CA LYS B 182 -3.98 18.94 6.31
C LYS B 182 -3.34 18.26 5.08
N THR B 183 -2.74 17.07 5.24
CA THR B 183 -1.89 16.42 4.20
C THR B 183 -2.82 15.57 3.32
N TYR B 184 -3.66 14.76 3.97
CA TYR B 184 -4.88 14.11 3.41
C TYR B 184 -5.78 15.13 2.69
N SER B 185 -5.95 16.33 3.23
CA SER B 185 -6.75 17.41 2.58
C SER B 185 -6.16 17.79 1.20
N ILE B 186 -4.85 17.63 0.95
CA ILE B 186 -4.18 17.99 -0.35
C ILE B 186 -4.16 16.77 -1.29
N LEU B 187 -4.02 15.57 -0.73
CA LEU B 187 -4.03 14.28 -1.47
C LEU B 187 -5.44 13.99 -2.03
N CYS B 188 -6.46 14.28 -1.24
CA CYS B 188 -7.85 14.26 -1.76
C CYS B 188 -7.97 15.56 -2.55
N SER B 189 -7.10 15.67 -3.56
CA SER B 189 -6.97 16.84 -4.47
C SER B 189 -8.32 17.21 -5.08
N GLU B 190 -9.07 16.19 -5.51
CA GLU B 190 -10.42 16.27 -6.15
C GLU B 190 -10.23 16.61 -7.62
N GLU B 191 -9.23 15.95 -8.23
CA GLU B 191 -8.86 16.09 -9.67
C GLU B 191 -8.05 14.87 -10.07
N TYR B 192 -6.85 14.78 -9.51
CA TYR B 192 -5.85 13.71 -9.79
C TYR B 192 -6.43 12.31 -9.53
N THR B 193 -5.93 11.32 -10.29
CA THR B 193 -6.40 9.90 -10.31
C THR B 193 -6.05 9.09 -9.05
N ILE B 194 -5.34 9.67 -8.08
CA ILE B 194 -4.98 8.97 -6.81
C ILE B 194 -6.17 9.11 -5.84
N GLN B 195 -7.06 10.08 -6.12
CA GLN B 195 -8.28 10.40 -5.34
C GLN B 195 -8.88 9.13 -4.78
N ASN B 196 -9.28 8.22 -5.66
CA ASN B 196 -9.90 6.95 -5.21
C ASN B 196 -8.97 6.21 -4.24
N ARG B 197 -7.66 6.15 -4.52
CA ARG B 197 -6.74 5.42 -3.62
C ARG B 197 -6.69 6.16 -2.28
N VAL B 198 -6.65 7.49 -2.31
CA VAL B 198 -6.61 8.28 -1.04
C VAL B 198 -7.90 8.00 -0.24
N ASP B 199 -9.05 8.31 -0.84
CA ASP B 199 -10.41 8.17 -0.24
C ASP B 199 -10.51 6.83 0.47
N ILE B 200 -10.08 5.74 -0.17
CA ILE B 200 -10.24 4.35 0.37
C ILE B 200 -9.39 4.20 1.64
N ALA B 201 -8.20 4.83 1.67
CA ALA B 201 -7.26 4.79 2.81
C ALA B 201 -7.76 5.72 3.92
N ARG B 202 -8.25 6.91 3.56
CA ARG B 202 -8.86 7.88 4.51
C ARG B 202 -9.98 7.17 5.29
N SER B 203 -11.06 6.78 4.58
CA SER B 203 -12.20 5.99 5.12
C SER B 203 -11.68 4.82 5.95
N GLN B 204 -10.64 4.13 5.46
CA GLN B 204 -10.04 2.96 6.16
C GLN B 204 -9.58 3.44 7.55
N LEU B 205 -8.95 4.62 7.60
CA LEU B 205 -8.31 5.18 8.83
C LEU B 205 -9.41 5.54 9.84
N ILE B 206 -10.37 6.35 9.39
CA ILE B 206 -11.48 6.94 10.20
C ILE B 206 -12.29 5.80 10.82
N ASP B 207 -12.69 4.84 9.97
CA ASP B 207 -13.36 3.58 10.37
C ASP B 207 -12.65 3.02 11.59
N GLU B 208 -11.31 2.99 11.58
CA GLU B 208 -10.49 2.38 12.67
C GLU B 208 -10.57 3.25 13.94
N PHE B 209 -10.55 4.58 13.78
CA PHE B 209 -10.59 5.51 14.93
C PHE B 209 -11.96 5.51 15.59
N VAL B 210 -13.00 5.45 14.78
CA VAL B 210 -14.40 5.44 15.28
C VAL B 210 -14.64 4.14 16.06
N ASP B 211 -14.30 2.99 15.49
CA ASP B 211 -14.52 1.67 16.16
C ASP B 211 -13.80 1.69 17.52
N ARG B 212 -12.60 2.27 17.56
CA ARG B 212 -11.74 2.33 18.77
C ARG B 212 -12.31 3.40 19.72
N PHE B 213 -12.82 4.53 19.19
CA PHE B 213 -13.46 5.64 19.95
C PHE B 213 -14.68 5.11 20.70
N ASN B 214 -15.57 4.39 20.01
CA ASN B 214 -16.86 3.88 20.56
C ASN B 214 -16.59 2.84 21.64
N HIS B 215 -15.70 1.88 21.39
CA HIS B 215 -15.27 0.89 22.42
C HIS B 215 -14.74 1.66 23.63
N SER B 216 -13.93 2.71 23.40
CA SER B 216 -13.32 3.59 24.43
C SER B 216 -14.42 4.18 25.32
N VAL B 217 -15.51 4.65 24.71
CA VAL B 217 -16.61 5.36 25.43
C VAL B 217 -17.42 4.33 26.22
N GLU B 218 -17.67 3.16 25.62
CA GLU B 218 -18.46 2.07 26.23
C GLU B 218 -17.78 1.65 27.53
N ASP B 219 -16.46 1.46 27.48
CA ASP B 219 -15.60 1.06 28.64
C ASP B 219 -15.56 2.19 29.67
N LEU B 220 -15.63 3.46 29.25
CA LEU B 220 -15.52 4.63 30.17
C LEU B 220 -16.79 4.78 31.02
N LEU B 221 -17.96 4.71 30.39
CA LEU B 221 -19.26 4.92 31.09
C LEU B 221 -19.66 3.63 31.82
N GLN B 222 -18.81 3.22 32.77
CA GLN B 222 -18.97 2.07 33.70
C GLN B 222 -18.26 2.45 35.01
N GLU B 223 -16.95 2.71 34.94
CA GLU B 223 -16.16 3.37 36.02
C GLU B 223 -15.98 4.84 35.64
N ASP B 228 -11.08 5.09 36.33
CA ASP B 228 -9.86 4.34 35.95
C ASP B 228 -9.14 5.13 34.83
N ASP B 229 -7.85 5.43 35.03
CA ASP B 229 -7.03 6.33 34.16
C ASP B 229 -6.87 5.74 32.76
N ASP B 230 -6.46 4.47 32.64
CA ASP B 230 -6.18 3.82 31.33
C ASP B 230 -7.42 3.96 30.42
N ASP B 231 -8.64 3.94 30.99
CA ASP B 231 -9.90 4.21 30.25
C ASP B 231 -9.83 5.62 29.64
N ILE B 232 -9.64 6.64 30.50
CA ILE B 232 -9.75 8.10 30.19
C ILE B 232 -8.86 8.43 28.99
N TYR B 233 -7.58 8.04 29.01
CA TYR B 233 -6.63 8.29 27.90
C TYR B 233 -7.21 7.71 26.59
N ASN B 234 -7.72 6.47 26.60
CA ASN B 234 -8.29 5.78 25.40
C ASN B 234 -9.36 6.65 24.72
N VAL B 235 -10.20 7.32 25.51
CA VAL B 235 -11.29 8.23 25.04
C VAL B 235 -10.64 9.50 24.46
N LEU B 236 -9.80 10.18 25.25
CA LEU B 236 -9.20 11.49 24.88
C LEU B 236 -8.30 11.32 23.66
N SER B 237 -7.54 10.23 23.58
CA SER B 237 -6.57 10.01 22.49
C SER B 237 -7.34 9.81 21.18
N THR B 238 -8.39 8.97 21.22
CA THR B 238 -9.23 8.63 20.03
C THR B 238 -10.08 9.83 19.63
N LEU B 239 -10.67 10.53 20.61
CA LEU B 239 -11.52 11.72 20.38
C LEU B 239 -10.69 12.83 19.70
N LYS B 240 -9.51 13.13 20.25
CA LYS B 240 -8.57 14.16 19.74
C LYS B 240 -8.22 13.87 18.27
N ARG B 241 -7.96 12.60 17.94
CA ARG B 241 -7.61 12.18 16.56
C ARG B 241 -8.78 12.50 15.62
N LEU B 242 -10.01 12.22 16.07
CA LEU B 242 -11.21 12.41 15.23
C LEU B 242 -11.51 13.90 15.12
N THR B 243 -11.33 14.63 16.20
CA THR B 243 -11.63 16.09 16.28
C THR B 243 -10.70 16.86 15.31
N SER B 244 -9.39 16.64 15.37
CA SER B 244 -8.45 17.34 14.47
C SER B 244 -8.86 17.07 13.02
N PHE B 245 -9.31 15.86 12.70
CA PHE B 245 -9.73 15.48 11.33
C PHE B 245 -11.06 16.15 10.97
N HIS B 246 -12.00 16.19 11.91
CA HIS B 246 -13.41 16.61 11.65
C HIS B 246 -13.49 18.03 11.08
N ASN B 247 -12.47 18.84 11.32
CA ASN B 247 -12.37 20.24 10.83
C ASN B 247 -12.36 20.22 9.30
N ALA B 248 -11.39 19.53 8.70
CA ALA B 248 -11.11 19.53 7.24
C ALA B 248 -11.88 18.40 6.53
N HIS B 249 -12.31 17.38 7.26
CA HIS B 249 -12.94 16.14 6.71
C HIS B 249 -14.37 15.96 7.23
N ASP B 250 -15.37 16.18 6.40
CA ASP B 250 -16.78 15.77 6.67
C ASP B 250 -16.81 14.32 7.20
N LEU B 251 -16.97 14.15 8.51
CA LEU B 251 -17.16 12.81 9.14
C LEU B 251 -18.60 12.70 9.67
N THR B 252 -19.58 13.20 8.92
CA THR B 252 -21.01 13.09 9.28
C THR B 252 -21.53 11.67 9.02
N LYS B 253 -21.05 10.99 7.96
CA LYS B 253 -21.42 9.58 7.64
C LYS B 253 -21.14 8.68 8.85
N TRP B 254 -20.24 9.07 9.76
CA TRP B 254 -20.03 8.43 11.09
C TRP B 254 -20.84 9.21 12.14
N ASP B 255 -21.43 8.54 13.14
CA ASP B 255 -22.35 9.18 14.13
C ASP B 255 -21.53 9.66 15.33
N LEU B 256 -20.68 10.66 15.12
CA LEU B 256 -19.74 11.14 16.17
C LEU B 256 -20.48 12.02 17.18
N PHE B 257 -21.46 12.79 16.72
CA PHE B 257 -22.20 13.76 17.56
C PHE B 257 -22.89 13.00 18.71
N GLY B 258 -23.60 11.93 18.40
CA GLY B 258 -24.24 11.10 19.42
C GLY B 258 -23.29 10.91 20.60
N ASN B 259 -22.11 10.33 20.33
CA ASN B 259 -21.15 9.91 21.39
C ASN B 259 -20.58 11.14 22.10
N CYS B 260 -20.25 12.19 21.34
CA CYS B 260 -19.80 13.47 21.91
C CYS B 260 -20.92 14.06 22.78
N TYR B 261 -22.19 13.83 22.43
CA TYR B 261 -23.37 14.30 23.21
C TYR B 261 -23.47 13.52 24.51
N ARG B 262 -23.28 12.20 24.46
CA ARG B 262 -23.34 11.34 25.66
C ARG B 262 -22.26 11.81 26.64
N LEU B 263 -21.01 11.98 26.17
CA LEU B 263 -19.84 12.35 27.03
C LEU B 263 -20.12 13.70 27.72
N LEU B 264 -20.77 14.64 27.04
CA LEU B 264 -20.97 16.01 27.55
C LEU B 264 -22.10 16.00 28.57
N LYS B 265 -23.16 15.23 28.31
CA LYS B 265 -24.31 15.06 29.24
C LYS B 265 -23.86 14.35 30.52
N THR B 266 -23.02 13.29 30.39
CA THR B 266 -22.45 12.53 31.54
C THR B 266 -21.61 13.47 32.41
N GLY B 267 -20.83 14.36 31.80
CA GLY B 267 -19.99 15.35 32.50
C GLY B 267 -20.84 16.38 33.22
N ILE B 268 -22.02 16.72 32.66
CA ILE B 268 -22.97 17.73 33.22
C ILE B 268 -23.68 17.19 34.48
N GLU B 269 -24.40 16.06 34.39
CA GLU B 269 -25.25 15.53 35.50
C GLU B 269 -24.38 14.88 36.60
N HIS B 270 -23.05 14.91 36.50
CA HIS B 270 -22.11 14.40 37.54
C HIS B 270 -21.03 15.45 37.84
N GLY B 271 -20.19 15.78 36.85
CA GLY B 271 -18.99 16.61 37.05
C GLY B 271 -17.73 15.77 36.99
N ALA B 272 -17.86 14.47 36.72
CA ALA B 272 -16.76 13.49 36.79
C ALA B 272 -15.81 13.61 35.58
N MET B 273 -16.22 14.27 34.48
CA MET B 273 -15.55 14.16 33.15
C MET B 273 -14.33 15.09 33.04
N PRO B 274 -13.11 14.55 32.77
CA PRO B 274 -11.90 15.37 32.64
C PRO B 274 -12.14 16.58 31.72
N GLU B 275 -11.40 17.67 31.93
CA GLU B 275 -11.65 18.94 31.18
C GLU B 275 -11.34 18.73 29.70
N GLN B 276 -10.21 18.09 29.37
CA GLN B 276 -9.76 17.96 27.96
C GLN B 276 -10.79 17.13 27.17
N ILE B 277 -11.40 16.10 27.76
CA ILE B 277 -12.39 15.25 27.03
C ILE B 277 -13.64 16.09 26.75
N VAL B 278 -14.02 16.95 27.68
CA VAL B 278 -15.19 17.86 27.53
C VAL B 278 -14.89 18.86 26.41
N VAL B 279 -13.65 19.36 26.34
CA VAL B 279 -13.27 20.47 25.42
C VAL B 279 -13.34 19.94 23.99
N GLN B 280 -12.62 18.84 23.74
CA GLN B 280 -12.57 18.14 22.44
C GLN B 280 -14.00 17.80 21.98
N ALA B 281 -14.80 17.22 22.87
CA ALA B 281 -16.18 16.76 22.60
C ALA B 281 -17.01 17.94 22.11
N LEU B 282 -16.85 19.11 22.75
CA LEU B 282 -17.51 20.37 22.31
C LEU B 282 -17.05 20.67 20.88
N GLN B 283 -15.73 20.68 20.66
CA GLN B 283 -15.08 21.05 19.38
C GLN B 283 -15.56 20.06 18.30
N CYS B 284 -15.60 18.76 18.58
CA CYS B 284 -16.00 17.74 17.58
C CYS B 284 -17.46 17.97 17.15
N SER B 285 -18.34 18.15 18.14
CA SER B 285 -19.80 18.35 18.00
C SER B 285 -20.06 19.57 17.12
N HIS B 286 -19.28 20.61 17.33
CA HIS B 286 -19.32 21.87 16.55
C HIS B 286 -18.96 21.57 15.09
N TYR B 287 -17.86 20.87 14.82
CA TYR B 287 -17.42 20.55 13.44
C TYR B 287 -18.51 19.72 12.76
N SER B 288 -19.01 18.70 13.47
CA SER B 288 -20.16 17.86 13.04
C SER B 288 -21.30 18.76 12.56
N ILE B 289 -21.68 19.74 13.38
CA ILE B 289 -22.81 20.68 13.09
C ILE B 289 -22.43 21.49 11.85
N LEU B 290 -21.23 22.05 11.77
CA LEU B 290 -20.84 22.90 10.61
C LEU B 290 -20.94 22.09 9.31
N TRP B 291 -20.59 20.81 9.35
CA TRP B 291 -20.60 19.93 8.15
C TRP B 291 -22.05 19.66 7.73
N GLN B 292 -22.93 19.46 8.72
CA GLN B 292 -24.38 19.26 8.47
C GLN B 292 -24.94 20.52 7.78
N LEU B 293 -24.57 21.72 8.24
CA LEU B 293 -25.08 23.01 7.69
C LEU B 293 -24.63 23.19 6.23
N VAL B 294 -23.49 22.61 5.86
CA VAL B 294 -22.94 22.68 4.48
C VAL B 294 -23.75 21.75 3.57
N LYS B 295 -24.06 20.52 4.02
CA LYS B 295 -24.88 19.54 3.24
C LYS B 295 -26.23 20.20 2.88
N ILE B 296 -26.78 20.96 3.82
CA ILE B 296 -28.07 21.68 3.70
C ILE B 296 -27.91 22.95 2.86
N THR B 297 -26.88 23.76 3.09
CA THR B 297 -26.68 25.06 2.38
C THR B 297 -26.30 24.81 0.91
N ASP B 298 -25.77 23.62 0.56
CA ASP B 298 -25.23 23.33 -0.80
C ASP B 298 -25.97 22.16 -1.48
N GLY B 299 -27.01 21.60 -0.86
CA GLY B 299 -27.97 20.70 -1.53
C GLY B 299 -29.28 21.42 -1.75
N SER B 300 -30.35 20.66 -2.03
CA SER B 300 -31.76 21.13 -1.89
C SER B 300 -32.45 20.28 -0.83
N PRO B 301 -32.65 20.83 0.40
CA PRO B 301 -33.14 20.03 1.53
C PRO B 301 -34.66 20.03 1.74
N SER B 302 -35.18 18.98 2.39
CA SER B 302 -36.60 18.83 2.80
C SER B 302 -36.82 19.51 4.15
N LYS B 303 -38.08 19.83 4.50
CA LYS B 303 -38.43 20.46 5.80
C LYS B 303 -37.98 19.53 6.93
N GLU B 304 -38.12 18.22 6.74
CA GLU B 304 -37.70 17.17 7.71
C GLU B 304 -36.20 17.28 7.98
N ASP B 305 -35.41 17.51 6.91
CA ASP B 305 -33.94 17.73 6.99
C ASP B 305 -33.68 18.95 7.88
N LEU B 306 -34.35 20.07 7.62
CA LEU B 306 -34.14 21.32 8.40
C LEU B 306 -34.49 21.08 9.87
N LEU B 307 -35.55 20.31 10.16
CA LEU B 307 -36.08 20.16 11.55
C LEU B 307 -35.13 19.29 12.35
N VAL B 308 -34.58 18.25 11.72
CA VAL B 308 -33.61 17.29 12.35
C VAL B 308 -32.36 18.03 12.83
N LEU B 309 -31.87 19.01 12.05
CA LEU B 309 -30.67 19.83 12.41
C LEU B 309 -31.04 20.82 13.53
N ARG B 310 -32.15 21.56 13.36
CA ARG B 310 -32.68 22.52 14.37
C ARG B 310 -32.68 21.84 15.75
N LYS B 311 -33.19 20.61 15.82
CA LYS B 311 -33.21 19.78 17.04
C LYS B 311 -31.77 19.71 17.58
N THR B 312 -30.87 19.04 16.84
CA THR B 312 -29.44 18.84 17.18
C THR B 312 -28.83 20.16 17.70
N VAL B 313 -28.95 21.24 16.90
CA VAL B 313 -28.32 22.56 17.20
C VAL B 313 -28.82 23.03 18.57
N LYS B 314 -30.12 22.96 18.85
CA LYS B 314 -30.72 23.43 20.13
C LYS B 314 -30.21 22.54 21.28
N SER B 315 -30.05 21.23 21.04
CA SER B 315 -29.46 20.28 22.03
C SER B 315 -28.04 20.74 22.36
N PHE B 316 -27.25 21.06 21.33
CA PHE B 316 -25.84 21.48 21.47
C PHE B 316 -25.77 22.81 22.22
N LEU B 317 -26.58 23.79 21.81
CA LEU B 317 -26.65 25.13 22.46
C LEU B 317 -26.93 24.99 23.95
N ALA B 318 -27.98 24.23 24.29
CA ALA B 318 -28.30 23.82 25.67
C ALA B 318 -27.04 23.26 26.33
N VAL B 319 -26.32 22.36 25.65
CA VAL B 319 -25.10 21.71 26.21
C VAL B 319 -24.06 22.81 26.51
N CYS B 320 -23.88 23.75 25.58
CA CYS B 320 -22.82 24.80 25.68
C CYS B 320 -23.15 25.75 26.85
N GLN B 321 -24.40 26.22 26.95
CA GLN B 321 -24.83 27.10 28.07
C GLN B 321 -24.59 26.36 29.39
N GLN B 322 -25.05 25.11 29.51
CA GLN B 322 -24.81 24.26 30.71
C GLN B 322 -23.31 24.28 31.04
N CYS B 323 -22.43 24.31 30.03
CA CYS B 323 -20.95 24.19 30.20
C CYS B 323 -20.30 25.51 30.65
N LEU B 324 -20.98 26.66 30.52
CA LEU B 324 -20.47 27.95 31.04
C LEU B 324 -20.29 27.86 32.55
N SER B 325 -21.02 26.97 33.19
CA SER B 325 -20.97 26.72 34.66
C SER B 325 -19.99 25.60 34.99
N ASN B 326 -19.19 25.11 34.04
CA ASN B 326 -18.19 24.03 34.32
C ASN B 326 -17.08 24.69 35.14
N VAL B 327 -16.49 23.95 36.09
CA VAL B 327 -15.52 24.50 37.07
C VAL B 327 -14.21 24.86 36.36
N ASN B 328 -13.73 24.01 35.45
CA ASN B 328 -12.47 24.23 34.66
C ASN B 328 -12.69 25.39 33.68
N THR B 329 -11.74 26.34 33.62
CA THR B 329 -11.82 27.57 32.77
C THR B 329 -11.74 27.21 31.29
N PRO B 330 -10.74 26.43 30.83
CA PRO B 330 -10.70 26.05 29.41
C PRO B 330 -12.12 25.71 28.92
N VAL B 331 -12.86 24.90 29.69
CA VAL B 331 -14.21 24.39 29.33
C VAL B 331 -15.19 25.56 29.23
N LYS B 332 -15.06 26.57 30.09
CA LYS B 332 -15.92 27.78 30.03
C LYS B 332 -15.61 28.59 28.77
N GLU B 333 -14.32 28.73 28.44
CA GLU B 333 -13.88 29.55 27.29
C GLU B 333 -14.31 28.85 26.00
N GLN B 334 -14.09 27.54 25.90
CA GLN B 334 -14.49 26.76 24.71
C GLN B 334 -15.99 27.00 24.48
N ALA B 335 -16.80 26.64 25.48
CA ALA B 335 -18.28 26.74 25.45
C ALA B 335 -18.69 28.12 24.92
N PHE B 336 -18.07 29.18 25.46
CA PHE B 336 -18.37 30.59 25.15
C PHE B 336 -18.07 30.89 23.67
N MET B 337 -16.86 30.56 23.21
CA MET B 337 -16.43 30.83 21.81
C MET B 337 -17.42 30.14 20.86
N LEU B 338 -17.80 28.90 21.17
CA LEU B 338 -18.67 28.07 20.29
C LEU B 338 -20.06 28.68 20.21
N LEU B 339 -20.58 29.20 21.33
CA LEU B 339 -21.90 29.91 21.39
C LEU B 339 -21.85 31.13 20.48
N CYS B 340 -20.86 32.01 20.70
CA CYS B 340 -20.66 33.26 19.92
C CYS B 340 -20.54 32.93 18.43
N ASP B 341 -19.93 31.79 18.07
CA ASP B 341 -19.80 31.39 16.65
C ASP B 341 -21.16 30.84 16.17
N LEU B 342 -21.88 30.08 17.01
CA LEU B 342 -23.15 29.40 16.61
C LEU B 342 -24.31 30.39 16.49
N LEU B 343 -24.42 31.37 17.39
CA LEU B 343 -25.42 32.47 17.31
C LEU B 343 -25.19 33.29 16.03
N MET B 344 -23.94 33.61 15.75
CA MET B 344 -23.50 34.33 14.52
C MET B 344 -23.89 33.51 13.28
N ILE B 345 -23.85 32.17 13.35
CA ILE B 345 -24.03 31.28 12.17
C ILE B 345 -25.52 31.03 11.91
N PHE B 346 -26.30 30.95 12.98
CA PHE B 346 -27.75 30.61 12.91
C PHE B 346 -28.56 31.87 13.25
N SER B 347 -28.72 32.74 12.25
CA SER B 347 -29.30 34.10 12.42
C SER B 347 -29.77 34.58 11.05
N HIS B 348 -30.45 35.73 10.99
CA HIS B 348 -30.91 36.35 9.71
C HIS B 348 -29.76 36.22 8.69
N GLN B 349 -28.50 36.39 9.11
CA GLN B 349 -27.28 36.31 8.26
C GLN B 349 -27.39 35.08 7.34
N LEU B 350 -27.92 33.98 7.89
CA LEU B 350 -28.07 32.68 7.21
C LEU B 350 -29.04 32.80 6.03
N MET B 351 -29.96 33.77 6.06
CA MET B 351 -31.12 33.86 5.14
C MET B 351 -30.79 34.74 3.93
N THR B 352 -29.99 35.80 4.09
CA THR B 352 -29.68 36.77 3.00
C THR B 352 -29.05 36.02 1.82
N GLY B 353 -29.20 36.60 0.62
CA GLY B 353 -28.70 36.04 -0.65
C GLY B 353 -29.59 34.90 -1.14
N GLY B 354 -30.90 35.15 -1.23
CA GLY B 354 -31.91 34.24 -1.80
C GLY B 354 -32.00 32.90 -1.08
N ARG B 355 -31.83 32.88 0.24
CA ARG B 355 -31.85 31.66 1.10
C ARG B 355 -32.90 31.82 2.22
N GLU B 356 -34.12 32.23 1.86
CA GLU B 356 -35.23 32.47 2.83
C GLU B 356 -35.77 31.13 3.32
N GLY B 357 -35.57 30.06 2.52
CA GLY B 357 -36.02 28.69 2.83
C GLY B 357 -35.45 28.14 4.13
N LEU B 358 -34.36 28.72 4.64
CA LEU B 358 -33.66 28.26 5.88
C LEU B 358 -34.12 29.07 7.10
N GLN B 359 -35.35 29.55 7.11
CA GLN B 359 -35.97 30.27 8.25
C GLN B 359 -35.93 29.37 9.51
N PRO B 360 -36.33 28.07 9.42
CA PRO B 360 -36.42 27.22 10.62
C PRO B 360 -35.10 26.83 11.31
N LEU B 361 -33.95 27.26 10.77
CA LEU B 361 -32.60 27.04 11.37
C LEU B 361 -32.13 28.28 12.14
N VAL B 362 -32.89 29.37 12.12
CA VAL B 362 -32.55 30.63 12.84
C VAL B 362 -32.74 30.42 14.36
N PHE B 363 -31.92 31.11 15.15
CA PHE B 363 -31.94 31.11 16.64
C PHE B 363 -31.70 32.53 17.14
N ASN B 364 -32.75 33.19 17.60
CA ASN B 364 -32.62 34.44 18.41
C ASN B 364 -32.39 33.97 19.84
N PRO B 365 -31.30 34.38 20.53
CA PRO B 365 -31.05 33.94 21.89
C PRO B 365 -32.05 34.58 22.88
N ASP B 366 -32.46 33.82 23.89
CA ASP B 366 -33.37 34.30 24.97
C ASP B 366 -32.59 35.25 25.89
N THR B 367 -33.31 36.03 26.68
CA THR B 367 -32.77 36.96 27.71
C THR B 367 -31.82 36.20 28.65
N GLY B 368 -32.18 34.98 29.05
CA GLY B 368 -31.42 34.18 30.02
C GLY B 368 -30.00 33.93 29.55
N LEU B 369 -29.84 33.66 28.25
CA LEU B 369 -28.53 33.41 27.58
C LEU B 369 -27.73 34.71 27.50
N GLN B 370 -28.25 35.73 26.79
CA GLN B 370 -27.60 37.06 26.63
C GLN B 370 -27.06 37.54 27.97
N SER B 371 -27.91 37.50 29.00
CA SER B 371 -27.54 37.78 30.40
C SER B 371 -26.28 36.99 30.78
N GLU B 372 -26.21 35.70 30.42
CA GLU B 372 -25.16 34.74 30.92
C GLU B 372 -23.90 34.81 30.05
N LEU B 373 -24.02 35.26 28.79
CA LEU B 373 -22.86 35.54 27.90
C LEU B 373 -22.14 36.78 28.42
N LEU B 374 -22.88 37.87 28.63
CA LEU B 374 -22.43 39.13 29.31
C LEU B 374 -21.69 38.81 30.61
N SER B 375 -22.34 38.11 31.54
CA SER B 375 -21.79 37.70 32.87
C SER B 375 -20.40 37.06 32.70
N PHE B 376 -20.22 36.28 31.63
CA PHE B 376 -18.96 35.56 31.31
C PHE B 376 -17.87 36.57 30.91
N VAL B 377 -18.25 37.55 30.08
CA VAL B 377 -17.35 38.62 29.56
C VAL B 377 -16.80 39.43 30.75
N MET B 378 -17.70 39.96 31.59
CA MET B 378 -17.36 40.79 32.79
C MET B 378 -16.37 40.01 33.64
N ASP B 379 -16.61 38.71 33.79
CA ASP B 379 -15.81 37.82 34.66
C ASP B 379 -14.41 37.59 34.06
N HIS B 380 -14.30 37.32 32.75
CA HIS B 380 -13.06 36.79 32.12
C HIS B 380 -12.33 37.81 31.26
N VAL B 381 -13.01 38.89 30.82
CA VAL B 381 -12.38 39.93 29.98
C VAL B 381 -11.80 41.05 30.87
N PHE B 382 -12.54 41.51 31.89
CA PHE B 382 -12.28 42.80 32.62
C PHE B 382 -11.73 42.52 34.03
N ILE B 383 -10.40 42.64 34.20
CA ILE B 383 -9.61 42.12 35.37
C ILE B 383 -8.58 43.16 35.86
N ASP B 384 -7.88 42.83 36.95
CA ASP B 384 -6.69 43.56 37.47
C ASP B 384 -5.70 43.80 36.32
N ASP B 398 8.61 36.57 33.73
CA ASP B 398 8.42 36.34 32.26
C ASP B 398 7.42 37.35 31.71
N GLU B 399 7.92 38.39 31.03
CA GLU B 399 7.12 39.51 30.45
C GLU B 399 6.52 39.09 29.10
N ALA B 400 6.76 37.85 28.64
CA ALA B 400 6.13 37.25 27.43
C ALA B 400 4.95 36.35 27.82
N ASN B 401 4.81 35.99 29.10
CA ASN B 401 3.78 35.04 29.59
C ASN B 401 2.40 35.72 29.68
N LYS B 402 2.36 37.04 29.88
CA LYS B 402 1.11 37.80 30.14
C LYS B 402 0.50 38.24 28.81
N ILE B 403 1.31 38.49 27.78
CA ILE B 403 0.88 38.79 26.39
C ILE B 403 0.24 37.52 25.80
N GLU B 404 0.60 36.36 26.34
CA GLU B 404 -0.10 35.07 26.12
C GLU B 404 -1.61 35.30 26.28
N ALA B 405 -2.04 35.63 27.50
CA ALA B 405 -3.45 35.62 27.95
C ALA B 405 -4.20 36.86 27.44
N LEU B 406 -3.51 37.97 27.18
CA LEU B 406 -4.17 39.22 26.68
C LEU B 406 -4.86 38.93 25.34
N HIS B 407 -4.17 38.31 24.37
CA HIS B 407 -4.71 37.97 23.02
C HIS B 407 -5.87 36.97 23.18
N LYS B 408 -5.84 36.13 24.21
CA LYS B 408 -6.95 35.20 24.50
C LYS B 408 -8.19 36.04 24.87
N ARG B 409 -8.06 36.93 25.85
CA ARG B 409 -9.19 37.75 26.37
C ARG B 409 -9.74 38.58 25.20
N ARG B 410 -8.85 39.20 24.43
CA ARG B 410 -9.21 40.02 23.25
C ARG B 410 -10.07 39.20 22.29
N ASN B 411 -9.78 37.90 22.12
CA ASN B 411 -10.53 37.01 21.19
C ASN B 411 -11.95 36.77 21.72
N LEU B 412 -12.07 36.54 23.04
CA LEU B 412 -13.38 36.33 23.72
C LEU B 412 -14.24 37.56 23.48
N LEU B 413 -13.70 38.74 23.81
CA LEU B 413 -14.39 40.06 23.66
C LEU B 413 -14.84 40.26 22.21
N ALA B 414 -13.95 40.06 21.24
CA ALA B 414 -14.23 40.32 19.80
C ALA B 414 -15.27 39.32 19.28
N ALA B 415 -15.42 38.17 19.92
CA ALA B 415 -16.46 37.17 19.57
C ALA B 415 -17.81 37.71 20.03
N PHE B 416 -17.90 38.23 21.26
CA PHE B 416 -19.12 38.84 21.85
C PHE B 416 -19.48 40.12 21.07
N SER B 417 -18.49 40.97 20.78
CA SER B 417 -18.64 42.21 19.99
C SER B 417 -19.39 41.90 18.70
N LYS B 418 -18.93 40.91 17.95
CA LYS B 418 -19.50 40.57 16.63
C LYS B 418 -21.01 40.38 16.77
N LEU B 419 -21.50 39.83 17.90
CA LEU B 419 -22.95 39.60 18.15
C LEU B 419 -23.67 40.94 18.20
N ILE B 420 -23.09 41.92 18.90
CA ILE B 420 -23.62 43.31 19.03
C ILE B 420 -23.67 43.98 17.66
N ILE B 421 -22.54 44.07 16.96
CA ILE B 421 -22.45 44.72 15.62
C ILE B 421 -23.51 44.11 14.69
N TYR B 422 -23.83 42.82 14.79
CA TYR B 422 -24.67 42.10 13.78
C TYR B 422 -26.15 42.03 14.22
N ASP B 423 -26.53 42.73 15.29
CA ASP B 423 -27.95 42.87 15.74
C ASP B 423 -28.44 41.53 16.27
N ILE B 424 -27.82 41.03 17.35
CA ILE B 424 -28.01 39.63 17.84
C ILE B 424 -28.14 39.65 19.36
N VAL B 425 -27.26 40.37 20.04
CA VAL B 425 -27.38 40.66 21.50
C VAL B 425 -27.59 42.17 21.65
N ASP B 426 -28.40 42.56 22.64
CA ASP B 426 -28.84 43.97 22.81
C ASP B 426 -27.71 44.78 23.47
N MET B 427 -27.44 45.97 22.94
CA MET B 427 -26.31 46.82 23.39
C MET B 427 -26.63 47.43 24.77
N HIS B 428 -27.91 47.61 25.12
CA HIS B 428 -28.36 48.25 26.39
C HIS B 428 -28.11 47.28 27.55
N ALA B 429 -28.50 46.01 27.39
CA ALA B 429 -28.19 44.94 28.36
C ALA B 429 -26.67 44.73 28.36
N ALA B 430 -26.01 44.91 27.21
CA ALA B 430 -24.57 44.68 26.96
C ALA B 430 -23.74 45.96 27.14
N ALA B 431 -24.28 46.99 27.78
CA ALA B 431 -23.57 48.25 28.07
C ALA B 431 -22.52 47.98 29.17
N ASP B 432 -22.75 46.97 30.01
CA ASP B 432 -21.91 46.60 31.19
C ASP B 432 -20.40 46.56 30.89
N ILE B 433 -19.99 46.41 29.61
CA ILE B 433 -18.54 46.32 29.18
C ILE B 433 -17.92 47.73 29.02
N PHE B 434 -18.66 48.68 28.41
CA PHE B 434 -18.21 50.05 28.02
C PHE B 434 -18.04 50.95 29.26
N LYS B 435 -18.69 50.61 30.38
CA LYS B 435 -18.51 51.22 31.73
C LYS B 435 -17.01 51.38 32.03
N HIS B 436 -16.22 50.31 31.81
CA HIS B 436 -14.74 50.31 31.81
C HIS B 436 -14.25 50.25 30.34
N TYR B 437 -14.38 51.35 29.59
CA TYR B 437 -13.88 51.56 28.20
C TYR B 437 -12.56 52.33 28.23
N MET B 438 -12.55 53.47 28.93
CA MET B 438 -11.34 54.28 29.16
C MET B 438 -10.34 53.44 29.97
N LYS B 439 -10.78 52.87 31.11
CA LYS B 439 -9.89 52.13 32.06
C LYS B 439 -9.04 51.11 31.27
N TYR B 440 -9.64 50.42 30.30
CA TYR B 440 -8.98 49.40 29.46
C TYR B 440 -8.93 49.88 28.00
N TYR B 441 -8.49 51.10 27.72
CA TYR B 441 -8.31 51.55 26.31
C TYR B 441 -7.05 50.87 25.74
N ASN B 442 -5.98 50.73 26.55
CA ASN B 442 -4.71 50.09 26.12
C ASN B 442 -5.00 48.63 25.70
N ASP B 443 -5.71 47.88 26.54
CA ASP B 443 -5.94 46.42 26.36
C ASP B 443 -6.98 46.15 25.26
N TYR B 444 -8.13 46.83 25.29
CA TYR B 444 -9.34 46.47 24.47
C TYR B 444 -9.76 47.61 23.53
N GLY B 445 -9.51 48.86 23.94
CA GLY B 445 -9.85 50.11 23.22
C GLY B 445 -10.24 49.90 21.77
N ASP B 446 -9.34 49.34 20.94
CA ASP B 446 -9.55 49.24 19.47
C ASP B 446 -10.83 48.42 19.18
N ILE B 447 -11.10 47.39 19.98
CA ILE B 447 -12.29 46.50 19.80
C ILE B 447 -13.53 47.24 20.28
N ILE B 448 -13.48 47.85 21.46
CA ILE B 448 -14.66 48.56 22.01
C ILE B 448 -15.01 49.72 21.06
N LYS B 449 -14.06 50.61 20.75
CA LYS B 449 -14.33 51.81 19.92
C LYS B 449 -14.86 51.40 18.53
N GLU B 450 -14.42 50.26 17.97
CA GLU B 450 -14.88 49.74 16.65
C GLU B 450 -16.31 49.20 16.76
N THR B 451 -16.71 48.80 17.96
CA THR B 451 -18.08 48.32 18.28
C THR B 451 -19.03 49.52 18.40
N LEU B 452 -18.70 50.46 19.29
CA LEU B 452 -19.48 51.73 19.53
C LEU B 452 -19.55 52.49 18.20
N SER B 453 -18.44 52.55 17.46
CA SER B 453 -18.37 53.19 16.12
C SER B 453 -19.49 52.64 15.22
N LYS B 454 -19.43 51.37 14.82
CA LYS B 454 -20.25 50.84 13.69
C LYS B 454 -21.71 50.58 14.12
N THR B 455 -22.03 50.50 15.41
CA THR B 455 -23.44 50.48 15.90
C THR B 455 -23.84 51.88 16.39
#